data_255D
# 
_entry.id   255D 
# 
_audit_conform.dict_name       mmcif_pdbx.dic 
_audit_conform.dict_version    5.387 
_audit_conform.dict_location   http://mmcif.pdb.org/dictionaries/ascii/mmcif_pdbx.dic 
# 
loop_
_database_2.database_id 
_database_2.database_code 
_database_2.pdbx_database_accession 
_database_2.pdbx_DOI 
PDB   255D         pdb_0000255d 10.2210/pdb255d/pdb 
RCSB  ARL037       ?            ?                   
WWPDB D_1000177662 ?            ?                   
# 
loop_
_pdbx_audit_revision_history.ordinal 
_pdbx_audit_revision_history.data_content_type 
_pdbx_audit_revision_history.major_revision 
_pdbx_audit_revision_history.minor_revision 
_pdbx_audit_revision_history.revision_date 
1 'Structure model' 1 0 1995-02-07 
2 'Structure model' 1 1 2008-05-22 
3 'Structure model' 1 2 2011-07-13 
4 'Structure model' 1 3 2024-02-14 
# 
_pdbx_audit_revision_details.ordinal             1 
_pdbx_audit_revision_details.revision_ordinal    1 
_pdbx_audit_revision_details.data_content_type   'Structure model' 
_pdbx_audit_revision_details.provider            repository 
_pdbx_audit_revision_details.type                'Initial release' 
_pdbx_audit_revision_details.description         ? 
_pdbx_audit_revision_details.details             ? 
# 
loop_
_pdbx_audit_revision_group.ordinal 
_pdbx_audit_revision_group.revision_ordinal 
_pdbx_audit_revision_group.data_content_type 
_pdbx_audit_revision_group.group 
1 2 'Structure model' 'Version format compliance' 
2 3 'Structure model' 'Version format compliance' 
3 4 'Structure model' 'Data collection'           
4 4 'Structure model' 'Database references'       
# 
loop_
_pdbx_audit_revision_category.ordinal 
_pdbx_audit_revision_category.revision_ordinal 
_pdbx_audit_revision_category.data_content_type 
_pdbx_audit_revision_category.category 
1 4 'Structure model' chem_comp_atom 
2 4 'Structure model' chem_comp_bond 
3 4 'Structure model' database_2     
# 
loop_
_pdbx_audit_revision_item.ordinal 
_pdbx_audit_revision_item.revision_ordinal 
_pdbx_audit_revision_item.data_content_type 
_pdbx_audit_revision_item.item 
1 4 'Structure model' '_database_2.pdbx_DOI'                
2 4 'Structure model' '_database_2.pdbx_database_accession' 
# 
_pdbx_database_status.status_code                     REL 
_pdbx_database_status.entry_id                        255D 
_pdbx_database_status.recvd_initial_deposition_date   1993-12-21 
_pdbx_database_status.deposit_site                    BNL 
_pdbx_database_status.process_site                    NDB 
_pdbx_database_status.SG_entry                        . 
_pdbx_database_status.pdb_format_compatible           Y 
_pdbx_database_status.status_code_mr                  ? 
_pdbx_database_status.status_code_sf                  ? 
_pdbx_database_status.status_code_cs                  ? 
_pdbx_database_status.status_code_nmr_data            ? 
_pdbx_database_status.methods_development_category    ? 
# 
loop_
_audit_author.name 
_audit_author.pdbx_ordinal 
'Holbrook, S.R.' 1 
'Cheong, C.'     2 
'Tinoco Jr, I.'  3 
'Kim, S.-H.'     4 
# 
_citation.id                        primary 
_citation.title                     
'Crystal structure of an RNA double helix incorporating a track of non-Watson-Crick base pairs.' 
_citation.journal_abbrev            Nature 
_citation.journal_volume            353 
_citation.page_first                579 
_citation.page_last                 581 
_citation.year                      1991 
_citation.journal_id_ASTM           NATUAS 
_citation.country                   UK 
_citation.journal_id_ISSN           0028-0836 
_citation.journal_id_CSD            0006 
_citation.book_publisher            ? 
_citation.pdbx_database_id_PubMed   1922368 
_citation.pdbx_database_id_DOI      10.1038/353579a0 
# 
loop_
_citation_author.citation_id 
_citation_author.name 
_citation_author.ordinal 
_citation_author.identifier_ORCID 
primary 'Holbrook, S.R.' 1 ? 
primary 'Cheong, C.'     2 ? 
primary 'Tinoco Jr., I.' 3 ? 
primary 'Kim, S.H.'      4 ? 
# 
loop_
_entity.id 
_entity.type 
_entity.src_method 
_entity.pdbx_description 
_entity.formula_weight 
_entity.pdbx_number_of_molecules 
_entity.pdbx_ec 
_entity.pdbx_mutation 
_entity.pdbx_fragment 
_entity.details 
1 polymer syn 
;RNA (5'-R(*GP*GP*AP*CP*UP*UP*CP*GP*GP*UP*CP*C)-3')
;
3804.296 1  ? ? ? ? 
2 water   nat water                                                18.015   47 ? ? ? ? 
# 
_entity_poly.entity_id                      1 
_entity_poly.type                           polyribonucleotide 
_entity_poly.nstd_linkage                   no 
_entity_poly.nstd_monomer                   no 
_entity_poly.pdbx_seq_one_letter_code       GGACUUCGGUCC 
_entity_poly.pdbx_seq_one_letter_code_can   GGACUUCGGUCC 
_entity_poly.pdbx_strand_id                 A 
_entity_poly.pdbx_target_identifier         ? 
# 
_pdbx_entity_nonpoly.entity_id   2 
_pdbx_entity_nonpoly.name        water 
_pdbx_entity_nonpoly.comp_id     HOH 
# 
loop_
_entity_poly_seq.entity_id 
_entity_poly_seq.num 
_entity_poly_seq.mon_id 
_entity_poly_seq.hetero 
1 1  G n 
1 2  G n 
1 3  A n 
1 4  C n 
1 5  U n 
1 6  U n 
1 7  C n 
1 8  G n 
1 9  G n 
1 10 U n 
1 11 C n 
1 12 C n 
# 
loop_
_chem_comp.id 
_chem_comp.type 
_chem_comp.mon_nstd_flag 
_chem_comp.name 
_chem_comp.pdbx_synonyms 
_chem_comp.formula 
_chem_comp.formula_weight 
A   'RNA linking' y "ADENOSINE-5'-MONOPHOSPHATE" ? 'C10 H14 N5 O7 P' 347.221 
C   'RNA linking' y "CYTIDINE-5'-MONOPHOSPHATE"  ? 'C9 H14 N3 O8 P'  323.197 
G   'RNA linking' y "GUANOSINE-5'-MONOPHOSPHATE" ? 'C10 H14 N5 O8 P' 363.221 
HOH non-polymer   . WATER                        ? 'H2 O'            18.015  
U   'RNA linking' y "URIDINE-5'-MONOPHOSPHATE"   ? 'C9 H13 N2 O9 P'  324.181 
# 
loop_
_pdbx_poly_seq_scheme.asym_id 
_pdbx_poly_seq_scheme.entity_id 
_pdbx_poly_seq_scheme.seq_id 
_pdbx_poly_seq_scheme.mon_id 
_pdbx_poly_seq_scheme.ndb_seq_num 
_pdbx_poly_seq_scheme.pdb_seq_num 
_pdbx_poly_seq_scheme.auth_seq_num 
_pdbx_poly_seq_scheme.pdb_mon_id 
_pdbx_poly_seq_scheme.auth_mon_id 
_pdbx_poly_seq_scheme.pdb_strand_id 
_pdbx_poly_seq_scheme.pdb_ins_code 
_pdbx_poly_seq_scheme.hetero 
A 1 1  G 1  1  1  G G A . n 
A 1 2  G 2  2  2  G G A . n 
A 1 3  A 3  3  3  A A A . n 
A 1 4  C 4  4  4  C C A . n 
A 1 5  U 5  5  5  U U A . n 
A 1 6  U 6  6  6  U U A . n 
A 1 7  C 7  7  7  C C A . n 
A 1 8  G 8  8  8  G G A . n 
A 1 9  G 9  9  9  G G A . n 
A 1 10 U 10 10 10 U U A . n 
A 1 11 C 11 11 11 C C A . n 
A 1 12 C 12 12 12 C C A . n 
# 
loop_
_pdbx_nonpoly_scheme.asym_id 
_pdbx_nonpoly_scheme.entity_id 
_pdbx_nonpoly_scheme.mon_id 
_pdbx_nonpoly_scheme.ndb_seq_num 
_pdbx_nonpoly_scheme.pdb_seq_num 
_pdbx_nonpoly_scheme.auth_seq_num 
_pdbx_nonpoly_scheme.pdb_mon_id 
_pdbx_nonpoly_scheme.auth_mon_id 
_pdbx_nonpoly_scheme.pdb_strand_id 
_pdbx_nonpoly_scheme.pdb_ins_code 
B 2 HOH 1  13 13 HOH HOH A . 
B 2 HOH 2  14 14 HOH HOH A . 
B 2 HOH 3  15 15 HOH HOH A . 
B 2 HOH 4  16 16 HOH HOH A . 
B 2 HOH 5  17 17 HOH HOH A . 
B 2 HOH 6  18 18 HOH HOH A . 
B 2 HOH 7  19 19 HOH HOH A . 
B 2 HOH 8  20 20 HOH HOH A . 
B 2 HOH 9  21 21 HOH HOH A . 
B 2 HOH 10 22 22 HOH HOH A . 
B 2 HOH 11 23 23 HOH HOH A . 
B 2 HOH 12 24 24 HOH HOH A . 
B 2 HOH 13 25 25 HOH HOH A . 
B 2 HOH 14 26 26 HOH HOH A . 
B 2 HOH 15 27 27 HOH HOH A . 
B 2 HOH 16 28 28 HOH HOH A . 
B 2 HOH 17 29 29 HOH HOH A . 
B 2 HOH 18 30 30 HOH HOH A . 
B 2 HOH 19 31 31 HOH HOH A . 
B 2 HOH 20 32 32 HOH HOH A . 
B 2 HOH 21 33 33 HOH HOH A . 
B 2 HOH 22 34 34 HOH HOH A . 
B 2 HOH 23 35 35 HOH HOH A . 
B 2 HOH 24 36 36 HOH HOH A . 
B 2 HOH 25 37 37 HOH HOH A . 
B 2 HOH 26 38 38 HOH HOH A . 
B 2 HOH 27 39 39 HOH HOH A . 
B 2 HOH 28 40 40 HOH HOH A . 
B 2 HOH 29 41 41 HOH HOH A . 
B 2 HOH 30 42 42 HOH HOH A . 
B 2 HOH 31 43 43 HOH HOH A . 
B 2 HOH 32 44 44 HOH HOH A . 
B 2 HOH 33 45 45 HOH HOH A . 
B 2 HOH 34 46 46 HOH HOH A . 
B 2 HOH 35 47 47 HOH HOH A . 
B 2 HOH 36 48 48 HOH HOH A . 
B 2 HOH 37 49 49 HOH HOH A . 
B 2 HOH 38 50 50 HOH HOH A . 
B 2 HOH 39 51 51 HOH HOH A . 
B 2 HOH 40 52 52 HOH HOH A . 
B 2 HOH 41 53 53 HOH HOH A . 
B 2 HOH 42 54 54 HOH HOH A . 
B 2 HOH 43 55 55 HOH HOH A . 
B 2 HOH 44 56 56 HOH HOH A . 
B 2 HOH 45 57 57 HOH HOH A . 
B 2 HOH 46 58 58 HOH HOH A . 
B 2 HOH 47 59 59 HOH HOH A . 
# 
_software.name             NUCLSQ 
_software.classification   refinement 
_software.version          . 
_software.citation_id      ? 
_software.pdbx_ordinal     1 
# 
_cell.entry_id           255D 
_cell.length_a           38.280 
_cell.length_b           32.280 
_cell.length_c           36.380 
_cell.angle_alpha        90.00 
_cell.angle_beta         124.80 
_cell.angle_gamma        90.00 
_cell.Z_PDB              4 
_cell.pdbx_unique_axis   ? 
# 
_symmetry.entry_id                         255D 
_symmetry.space_group_name_H-M             'C 1 2 1' 
_symmetry.pdbx_full_space_group_name_H-M   ? 
_symmetry.cell_setting                     ? 
_symmetry.Int_Tables_number                5 
# 
_exptl.entry_id          255D 
_exptl.method            'X-RAY DIFFRACTION' 
_exptl.crystals_number   ? 
# 
_exptl_crystal.id                    1 
_exptl_crystal.density_meas          ? 
_exptl_crystal.density_Matthews      2.43 
_exptl_crystal.density_percent_sol   49.30 
_exptl_crystal.description           ? 
# 
_exptl_crystal_grow.crystal_id      1 
_exptl_crystal_grow.method          'VAPOR DIFFUSION' 
_exptl_crystal_grow.temp            ? 
_exptl_crystal_grow.temp_details    ? 
_exptl_crystal_grow.pH              8.50 
_exptl_crystal_grow.pdbx_details    'pH 8.50, VAPOR DIFFUSION' 
_exptl_crystal_grow.pdbx_pH_range   ? 
# 
loop_
_exptl_crystal_grow_comp.crystal_id 
_exptl_crystal_grow_comp.id 
_exptl_crystal_grow_comp.sol_id 
_exptl_crystal_grow_comp.name 
_exptl_crystal_grow_comp.volume 
_exptl_crystal_grow_comp.conc 
_exptl_crystal_grow_comp.details 
1 1  1 WATER            ? ? ? 
1 2  1 'PEG 400'        ? ? ? 
1 3  1 'NA CITRATE'     ? ? ? 
1 4  1 MGCL2            ? ? ? 
1 5  1 BIS-TRIS-PROPANE ? ? ? 
1 6  2 WATER            ? ? ? 
1 7  2 'PEG 400'        ? ? ? 
1 8  2 'NA CITRATE'     ? ? ? 
1 9  2 MGCL2            ? ? ? 
1 10 2 BIS-TRIS-PROPANE ? ? ? 
# 
_diffrn.id                     1 
_diffrn.ambient_temp           ? 
_diffrn.ambient_temp_details   'ROOM TEMPERATURE' 
_diffrn.crystal_id             1 
# 
_diffrn_detector.diffrn_id              1 
_diffrn_detector.detector               DIFFRACTOMETER 
_diffrn_detector.type                   'RIGAKU AFC-5' 
_diffrn_detector.pdbx_collection_date   ? 
_diffrn_detector.details                ? 
# 
_diffrn_radiation.diffrn_id                        1 
_diffrn_radiation.wavelength_id                    1 
_diffrn_radiation.pdbx_monochromatic_or_laue_m_l   ? 
_diffrn_radiation.monochromator                    ? 
_diffrn_radiation.pdbx_diffrn_protocol             ? 
_diffrn_radiation.pdbx_scattering_type             x-ray 
# 
_diffrn_radiation_wavelength.id           1 
_diffrn_radiation_wavelength.wavelength   . 
_diffrn_radiation_wavelength.wt           1.0 
# 
_diffrn_source.diffrn_id                   1 
_diffrn_source.source                      'ROTATING ANODE' 
_diffrn_source.type                        ? 
_diffrn_source.pdbx_synchrotron_site       ? 
_diffrn_source.pdbx_synchrotron_beamline   ? 
_diffrn_source.pdbx_wavelength             ? 
_diffrn_source.pdbx_wavelength_list        ? 
# 
_reflns.entry_id                     255D 
_reflns.observed_criterion_sigma_I   ? 
_reflns.observed_criterion_sigma_F   ? 
_reflns.d_resolution_low             ? 
_reflns.d_resolution_high            2.000 
_reflns.number_obs                   2280 
_reflns.number_all                   ? 
_reflns.percent_possible_obs         ? 
_reflns.pdbx_Rmerge_I_obs            ? 
_reflns.pdbx_Rsym_value              ? 
_reflns.pdbx_netI_over_sigmaI        ? 
_reflns.B_iso_Wilson_estimate        ? 
_reflns.pdbx_redundancy              ? 
_reflns.pdbx_diffrn_id               1 
_reflns.pdbx_ordinal                 1 
# 
_refine.entry_id                                 255D 
_refine.ls_number_reflns_obs                     2082 
_refine.ls_number_reflns_all                     ? 
_refine.pdbx_ls_sigma_I                          ? 
_refine.pdbx_ls_sigma_F                          1.000 
_refine.pdbx_data_cutoff_high_absF               ? 
_refine.pdbx_data_cutoff_low_absF                ? 
_refine.pdbx_data_cutoff_high_rms_absF           ? 
_refine.ls_d_res_low                             8.000 
_refine.ls_d_res_high                            2.000 
_refine.ls_percent_reflns_obs                    83.900 
_refine.ls_R_factor_obs                          0.1640000 
_refine.ls_R_factor_all                          ? 
_refine.ls_R_factor_R_work                       ? 
_refine.ls_R_factor_R_free                       ? 
_refine.ls_R_factor_R_free_error                 ? 
_refine.ls_R_factor_R_free_error_details         ? 
_refine.ls_percent_reflns_R_free                 ? 
_refine.ls_number_reflns_R_free                  ? 
_refine.ls_number_parameters                     ? 
_refine.ls_number_restraints                     ? 
_refine.occupancy_min                            ? 
_refine.occupancy_max                            ? 
_refine.B_iso_mean                               ? 
_refine.aniso_B[1][1]                            ? 
_refine.aniso_B[2][2]                            ? 
_refine.aniso_B[3][3]                            ? 
_refine.aniso_B[1][2]                            ? 
_refine.aniso_B[1][3]                            ? 
_refine.aniso_B[2][3]                            ? 
_refine.solvent_model_details                    ? 
_refine.solvent_model_param_ksol                 ? 
_refine.solvent_model_param_bsol                 ? 
_refine.pdbx_ls_cross_valid_method               ? 
_refine.details                                  ? 
_refine.pdbx_starting_model                      ? 
_refine.pdbx_method_to_determine_struct          ? 
_refine.pdbx_isotropic_thermal_model             ? 
_refine.pdbx_stereochemistry_target_values       ? 
_refine.pdbx_stereochem_target_val_spec_case     ? 
_refine.pdbx_R_Free_selection_details            ? 
_refine.pdbx_overall_ESU_R                       ? 
_refine.pdbx_overall_ESU_R_Free                  ? 
_refine.overall_SU_ML                            ? 
_refine.overall_SU_B                             ? 
_refine.pdbx_refine_id                           'X-RAY DIFFRACTION' 
_refine.pdbx_diffrn_id                           1 
_refine.pdbx_TLS_residual_ADP_flag               ? 
_refine.correlation_coeff_Fo_to_Fc               ? 
_refine.correlation_coeff_Fo_to_Fc_free          ? 
_refine.pdbx_solvent_vdw_probe_radii             ? 
_refine.pdbx_solvent_ion_probe_radii             ? 
_refine.pdbx_solvent_shrinkage_radii             ? 
_refine.pdbx_overall_phase_error                 ? 
_refine.overall_SU_R_Cruickshank_DPI             ? 
_refine.pdbx_overall_SU_R_free_Cruickshank_DPI   ? 
_refine.pdbx_overall_SU_R_Blow_DPI               ? 
_refine.pdbx_overall_SU_R_free_Blow_DPI          ? 
# 
_refine_hist.pdbx_refine_id                   'X-RAY DIFFRACTION' 
_refine_hist.cycle_id                         LAST 
_refine_hist.pdbx_number_atoms_protein        0 
_refine_hist.pdbx_number_atoms_nucleic_acid   255 
_refine_hist.pdbx_number_atoms_ligand         0 
_refine_hist.number_atoms_solvent             47 
_refine_hist.number_atoms_total               302 
_refine_hist.d_res_high                       2.000 
_refine_hist.d_res_low                        8.000 
# 
_struct.entry_id                  255D 
_struct.title                     'CRYSTAL STRUCTURE OF AN RNA DOUBLE HELIX INCORPORATING A TRACK OF NON-WATSON-CRICK BASE PAIRS' 
_struct.pdbx_model_details        ? 
_struct.pdbx_CASP_flag            ? 
_struct.pdbx_model_type_details   ? 
# 
_struct_keywords.entry_id        255D 
_struct_keywords.pdbx_keywords   RNA 
_struct_keywords.text            'A-RNA, DOUBLE HELIX, MISMATCHED, RNA' 
# 
loop_
_struct_asym.id 
_struct_asym.pdbx_blank_PDB_chainid_flag 
_struct_asym.pdbx_modified 
_struct_asym.entity_id 
_struct_asym.details 
A N N 1 ? 
B N N 2 ? 
# 
_struct_ref.id                         1 
_struct_ref.entity_id                  1 
_struct_ref.db_name                    PDB 
_struct_ref.db_code                    255D 
_struct_ref.pdbx_db_accession          255D 
_struct_ref.pdbx_db_isoform            ? 
_struct_ref.pdbx_seq_one_letter_code   ? 
_struct_ref.pdbx_align_begin           ? 
# 
_struct_ref_seq.align_id                      1 
_struct_ref_seq.ref_id                        1 
_struct_ref_seq.pdbx_PDB_id_code              255D 
_struct_ref_seq.pdbx_strand_id                A 
_struct_ref_seq.seq_align_beg                 1 
_struct_ref_seq.pdbx_seq_align_beg_ins_code   ? 
_struct_ref_seq.seq_align_end                 12 
_struct_ref_seq.pdbx_seq_align_end_ins_code   ? 
_struct_ref_seq.pdbx_db_accession             255D 
_struct_ref_seq.db_align_beg                  1 
_struct_ref_seq.pdbx_db_align_beg_ins_code    ? 
_struct_ref_seq.db_align_end                  12 
_struct_ref_seq.pdbx_db_align_end_ins_code    ? 
_struct_ref_seq.pdbx_auth_seq_align_beg       1 
_struct_ref_seq.pdbx_auth_seq_align_end       12 
# 
_pdbx_struct_assembly.id                   1 
_pdbx_struct_assembly.details              author_defined_assembly 
_pdbx_struct_assembly.method_details       ? 
_pdbx_struct_assembly.oligomeric_details   dimeric 
_pdbx_struct_assembly.oligomeric_count     2 
# 
_pdbx_struct_assembly_gen.assembly_id       1 
_pdbx_struct_assembly_gen.oper_expression   1,2 
_pdbx_struct_assembly_gen.asym_id_list      A,B 
# 
loop_
_pdbx_struct_oper_list.id 
_pdbx_struct_oper_list.type 
_pdbx_struct_oper_list.name 
_pdbx_struct_oper_list.symmetry_operation 
_pdbx_struct_oper_list.matrix[1][1] 
_pdbx_struct_oper_list.matrix[1][2] 
_pdbx_struct_oper_list.matrix[1][3] 
_pdbx_struct_oper_list.vector[1] 
_pdbx_struct_oper_list.matrix[2][1] 
_pdbx_struct_oper_list.matrix[2][2] 
_pdbx_struct_oper_list.matrix[2][3] 
_pdbx_struct_oper_list.vector[2] 
_pdbx_struct_oper_list.matrix[3][1] 
_pdbx_struct_oper_list.matrix[3][2] 
_pdbx_struct_oper_list.matrix[3][3] 
_pdbx_struct_oper_list.vector[3] 
1 'identity operation'         1_555 x,y,z       1.0000000000 0.0000000000  0.0000000000 0.0000000000  0.0000000000  1.0000000000  0.0000000000  0.0000000000 0.0000000000 0.0000000000  1.0000000000  0.0000000000 
2 'crystal symmetry operation' 2_656 -x+1,y,-z+1 0.7550739335 -0.2317223027 0.6133254678 -0.0683623141 -0.2317223027 -0.9694057187 -0.0809773235 2.3551728334 0.6133254678 -0.0809773235 -0.7856682147 1.0854383563 
# 
_struct_biol.id   1 
# 
loop_
_struct_conn.id 
_struct_conn.conn_type_id 
_struct_conn.pdbx_leaving_atom_flag 
_struct_conn.pdbx_PDB_id 
_struct_conn.ptnr1_label_asym_id 
_struct_conn.ptnr1_label_comp_id 
_struct_conn.ptnr1_label_seq_id 
_struct_conn.ptnr1_label_atom_id 
_struct_conn.pdbx_ptnr1_label_alt_id 
_struct_conn.pdbx_ptnr1_PDB_ins_code 
_struct_conn.pdbx_ptnr1_standard_comp_id 
_struct_conn.ptnr1_symmetry 
_struct_conn.ptnr2_label_asym_id 
_struct_conn.ptnr2_label_comp_id 
_struct_conn.ptnr2_label_seq_id 
_struct_conn.ptnr2_label_atom_id 
_struct_conn.pdbx_ptnr2_label_alt_id 
_struct_conn.pdbx_ptnr2_PDB_ins_code 
_struct_conn.ptnr1_auth_asym_id 
_struct_conn.ptnr1_auth_comp_id 
_struct_conn.ptnr1_auth_seq_id 
_struct_conn.ptnr2_auth_asym_id 
_struct_conn.ptnr2_auth_comp_id 
_struct_conn.ptnr2_auth_seq_id 
_struct_conn.ptnr2_symmetry 
_struct_conn.pdbx_ptnr3_label_atom_id 
_struct_conn.pdbx_ptnr3_label_seq_id 
_struct_conn.pdbx_ptnr3_label_comp_id 
_struct_conn.pdbx_ptnr3_label_asym_id 
_struct_conn.pdbx_ptnr3_label_alt_id 
_struct_conn.pdbx_ptnr3_PDB_ins_code 
_struct_conn.details 
_struct_conn.pdbx_dist_value 
_struct_conn.pdbx_value_order 
_struct_conn.pdbx_role 
hydrog1  hydrog ? ? A G 1  N1 ? ? ? 1_555 A C 12 N3 ? ? A G 1  A C 12 2_656 ? ? ? ? ? ? WATSON-CRICK  ? ? ? 
hydrog2  hydrog ? ? A G 1  N2 ? ? ? 1_555 A C 12 O2 ? ? A G 1  A C 12 2_656 ? ? ? ? ? ? WATSON-CRICK  ? ? ? 
hydrog3  hydrog ? ? A G 1  O6 ? ? ? 1_555 A C 12 N4 ? ? A G 1  A C 12 2_656 ? ? ? ? ? ? WATSON-CRICK  ? ? ? 
hydrog4  hydrog ? ? A G 2  N1 ? ? ? 1_555 A C 11 N3 ? ? A G 2  A C 11 2_656 ? ? ? ? ? ? WATSON-CRICK  ? ? ? 
hydrog5  hydrog ? ? A G 2  N2 ? ? ? 1_555 A C 11 O2 ? ? A G 2  A C 11 2_656 ? ? ? ? ? ? WATSON-CRICK  ? ? ? 
hydrog6  hydrog ? ? A G 2  O6 ? ? ? 1_555 A C 11 N4 ? ? A G 2  A C 11 2_656 ? ? ? ? ? ? WATSON-CRICK  ? ? ? 
hydrog7  hydrog ? ? A A 3  N1 ? ? ? 1_555 A U 10 N3 ? ? A A 3  A U 10 2_656 ? ? ? ? ? ? WATSON-CRICK  ? ? ? 
hydrog8  hydrog ? ? A A 3  N6 ? ? ? 1_555 A U 10 O4 ? ? A A 3  A U 10 2_656 ? ? ? ? ? ? WATSON-CRICK  ? ? ? 
hydrog9  hydrog ? ? A C 4  N3 ? ? ? 1_555 A G 9  N1 ? ? A C 4  A G 9  2_656 ? ? ? ? ? ? WATSON-CRICK  ? ? ? 
hydrog10 hydrog ? ? A C 4  N4 ? ? ? 1_555 A G 9  O6 ? ? A C 4  A G 9  2_656 ? ? ? ? ? ? WATSON-CRICK  ? ? ? 
hydrog11 hydrog ? ? A C 4  O2 ? ? ? 1_555 A G 9  N2 ? ? A C 4  A G 9  2_656 ? ? ? ? ? ? WATSON-CRICK  ? ? ? 
hydrog12 hydrog ? ? A U 5  N3 ? ? ? 1_555 A G 8  O6 ? ? A U 5  A G 8  2_656 ? ? ? ? ? ? TYPE_28_PAIR  ? ? ? 
hydrog13 hydrog ? ? A U 5  O2 ? ? ? 1_555 A G 8  N1 ? ? A U 5  A G 8  2_656 ? ? ? ? ? ? TYPE_28_PAIR  ? ? ? 
hydrog14 hydrog ? ? A U 6  O4 ? ? ? 1_555 A C 7  N4 ? ? A U 6  A C 7  2_656 ? ? ? ? ? ? 'U-C MISPAIR' ? ? ? 
hydrog15 hydrog ? ? A C 7  N4 ? ? ? 1_555 A U 6  O4 ? ? A C 7  A U 6  2_656 ? ? ? ? ? ? 'C-U MISPAIR' ? ? ? 
hydrog16 hydrog ? ? A G 8  N1 ? ? ? 1_555 A U 5  O2 ? ? A G 8  A U 5  2_656 ? ? ? ? ? ? TYPE_28_PAIR  ? ? ? 
hydrog17 hydrog ? ? A G 8  O6 ? ? ? 1_555 A U 5  N3 ? ? A G 8  A U 5  2_656 ? ? ? ? ? ? TYPE_28_PAIR  ? ? ? 
hydrog18 hydrog ? ? A G 9  N1 ? ? ? 1_555 A C 4  N3 ? ? A G 9  A C 4  2_656 ? ? ? ? ? ? WATSON-CRICK  ? ? ? 
hydrog19 hydrog ? ? A G 9  N2 ? ? ? 1_555 A C 4  O2 ? ? A G 9  A C 4  2_656 ? ? ? ? ? ? WATSON-CRICK  ? ? ? 
hydrog20 hydrog ? ? A G 9  O6 ? ? ? 1_555 A C 4  N4 ? ? A G 9  A C 4  2_656 ? ? ? ? ? ? WATSON-CRICK  ? ? ? 
hydrog21 hydrog ? ? A U 10 N3 ? ? ? 1_555 A A 3  N1 ? ? A U 10 A A 3  2_656 ? ? ? ? ? ? WATSON-CRICK  ? ? ? 
hydrog22 hydrog ? ? A U 10 O4 ? ? ? 1_555 A A 3  N6 ? ? A U 10 A A 3  2_656 ? ? ? ? ? ? WATSON-CRICK  ? ? ? 
hydrog23 hydrog ? ? A C 11 N3 ? ? ? 1_555 A G 2  N1 ? ? A C 11 A G 2  2_656 ? ? ? ? ? ? WATSON-CRICK  ? ? ? 
hydrog24 hydrog ? ? A C 11 N4 ? ? ? 1_555 A G 2  O6 ? ? A C 11 A G 2  2_656 ? ? ? ? ? ? WATSON-CRICK  ? ? ? 
hydrog25 hydrog ? ? A C 11 O2 ? ? ? 1_555 A G 2  N2 ? ? A C 11 A G 2  2_656 ? ? ? ? ? ? WATSON-CRICK  ? ? ? 
hydrog26 hydrog ? ? A C 12 N3 ? ? ? 1_555 A G 1  N1 ? ? A C 12 A G 1  2_656 ? ? ? ? ? ? WATSON-CRICK  ? ? ? 
hydrog27 hydrog ? ? A C 12 N4 ? ? ? 1_555 A G 1  O6 ? ? A C 12 A G 1  2_656 ? ? ? ? ? ? WATSON-CRICK  ? ? ? 
hydrog28 hydrog ? ? A C 12 O2 ? ? ? 1_555 A G 1  N2 ? ? A C 12 A G 1  2_656 ? ? ? ? ? ? WATSON-CRICK  ? ? ? 
# 
_struct_conn_type.id          hydrog 
_struct_conn_type.criteria    ? 
_struct_conn_type.reference   ? 
# 
loop_
_pdbx_validate_close_contact.id 
_pdbx_validate_close_contact.PDB_model_num 
_pdbx_validate_close_contact.auth_atom_id_1 
_pdbx_validate_close_contact.auth_asym_id_1 
_pdbx_validate_close_contact.auth_comp_id_1 
_pdbx_validate_close_contact.auth_seq_id_1 
_pdbx_validate_close_contact.PDB_ins_code_1 
_pdbx_validate_close_contact.label_alt_id_1 
_pdbx_validate_close_contact.auth_atom_id_2 
_pdbx_validate_close_contact.auth_asym_id_2 
_pdbx_validate_close_contact.auth_comp_id_2 
_pdbx_validate_close_contact.auth_seq_id_2 
_pdbx_validate_close_contact.PDB_ins_code_2 
_pdbx_validate_close_contact.label_alt_id_2 
_pdbx_validate_close_contact.dist 
1 1 N7 A G   1  ? ? O A HOH 18 ? ? 2.00 
2 1 O  A HOH 28 ? ? O A HOH 37 ? ? 2.16 
# 
loop_
_pdbx_validate_rmsd_bond.id 
_pdbx_validate_rmsd_bond.PDB_model_num 
_pdbx_validate_rmsd_bond.auth_atom_id_1 
_pdbx_validate_rmsd_bond.auth_asym_id_1 
_pdbx_validate_rmsd_bond.auth_comp_id_1 
_pdbx_validate_rmsd_bond.auth_seq_id_1 
_pdbx_validate_rmsd_bond.PDB_ins_code_1 
_pdbx_validate_rmsd_bond.label_alt_id_1 
_pdbx_validate_rmsd_bond.auth_atom_id_2 
_pdbx_validate_rmsd_bond.auth_asym_id_2 
_pdbx_validate_rmsd_bond.auth_comp_id_2 
_pdbx_validate_rmsd_bond.auth_seq_id_2 
_pdbx_validate_rmsd_bond.PDB_ins_code_2 
_pdbx_validate_rmsd_bond.label_alt_id_2 
_pdbx_validate_rmsd_bond.bond_value 
_pdbx_validate_rmsd_bond.bond_target_value 
_pdbx_validate_rmsd_bond.bond_deviation 
_pdbx_validate_rmsd_bond.bond_standard_deviation 
_pdbx_validate_rmsd_bond.linker_flag 
1 1 "O3'" A G 1  ? ? P     A G 2  ? ? 1.706 1.607 0.099  0.012 Y 
2 1 P     A A 3  ? ? "O5'" A A 3  ? ? 1.673 1.593 0.080  0.010 N 
3 1 N3    A A 3  ? ? C4    A A 3  ? ? 1.300 1.344 -0.044 0.006 N 
4 1 P     A C 4  ? ? "O5'" A C 4  ? ? 1.501 1.593 -0.092 0.010 N 
5 1 N3    A U 10 ? ? C4    A U 10 ? ? 1.324 1.380 -0.056 0.009 N 
# 
loop_
_pdbx_validate_rmsd_angle.id 
_pdbx_validate_rmsd_angle.PDB_model_num 
_pdbx_validate_rmsd_angle.auth_atom_id_1 
_pdbx_validate_rmsd_angle.auth_asym_id_1 
_pdbx_validate_rmsd_angle.auth_comp_id_1 
_pdbx_validate_rmsd_angle.auth_seq_id_1 
_pdbx_validate_rmsd_angle.PDB_ins_code_1 
_pdbx_validate_rmsd_angle.label_alt_id_1 
_pdbx_validate_rmsd_angle.auth_atom_id_2 
_pdbx_validate_rmsd_angle.auth_asym_id_2 
_pdbx_validate_rmsd_angle.auth_comp_id_2 
_pdbx_validate_rmsd_angle.auth_seq_id_2 
_pdbx_validate_rmsd_angle.PDB_ins_code_2 
_pdbx_validate_rmsd_angle.label_alt_id_2 
_pdbx_validate_rmsd_angle.auth_atom_id_3 
_pdbx_validate_rmsd_angle.auth_asym_id_3 
_pdbx_validate_rmsd_angle.auth_comp_id_3 
_pdbx_validate_rmsd_angle.auth_seq_id_3 
_pdbx_validate_rmsd_angle.PDB_ins_code_3 
_pdbx_validate_rmsd_angle.label_alt_id_3 
_pdbx_validate_rmsd_angle.angle_value 
_pdbx_validate_rmsd_angle.angle_target_value 
_pdbx_validate_rmsd_angle.angle_deviation 
_pdbx_validate_rmsd_angle.angle_standard_deviation 
_pdbx_validate_rmsd_angle.linker_flag 
1  1 "O5'" A G 1  ? ? P     A G 1  ? ? OP2   A G 1  ? ? 123.90 110.70 13.20  1.20 N 
2  1 "O5'" A G 1  ? ? "C5'" A G 1  ? ? "C4'" A G 1  ? ? 102.45 109.40 -6.95  0.80 N 
3  1 "O3'" A G 1  ? ? P     A G 2  ? ? OP1   A G 2  ? ? 87.05  105.20 -18.15 2.20 Y 
4  1 "O5'" A G 2  ? ? P     A G 2  ? ? OP2   A G 2  ? ? 125.06 110.70 14.36  1.20 N 
5  1 C5    A G 2  ? ? C6    A G 2  ? ? N1    A G 2  ? ? 115.38 111.50 3.88   0.50 N 
6  1 "O3'" A G 2  ? ? P     A A 3  ? ? OP2   A A 3  ? ? 122.84 110.50 12.34  1.10 Y 
7  1 "O3'" A G 2  ? ? P     A A 3  ? ? OP1   A A 3  ? ? 90.94  105.20 -14.26 2.20 Y 
8  1 "O5'" A A 3  ? ? P     A A 3  ? ? OP1   A A 3  ? ? 96.98  105.70 -8.72  0.90 N 
9  1 "O5'" A A 3  ? ? "C5'" A A 3  ? ? "C4'" A A 3  ? ? 101.23 109.40 -8.17  0.80 N 
10 1 C6    A A 3  ? ? N1    A A 3  ? ? C2    A A 3  ? ? 122.50 118.60 3.90   0.60 N 
11 1 N1    A A 3  ? ? C2    A A 3  ? ? N3    A A 3  ? ? 122.74 129.30 -6.56  0.50 N 
12 1 C2    A A 3  ? ? N3    A A 3  ? ? C4    A A 3  ? ? 115.88 110.60 5.28   0.50 N 
13 1 C5    A A 3  ? ? C6    A A 3  ? ? N1    A A 3  ? ? 114.23 117.70 -3.47  0.50 N 
14 1 C5    A A 3  ? ? C6    A A 3  ? ? N6    A A 3  ? ? 128.69 123.70 4.99   0.80 N 
15 1 "O3'" A A 3  ? ? P     A C 4  ? ? OP2   A C 4  ? ? 119.70 110.50 9.20   1.10 Y 
16 1 N1    A C 4  ? ? C2    A C 4  ? ? O2    A C 4  ? ? 123.13 118.90 4.23   0.60 N 
17 1 N3    A C 4  ? ? C4    A C 4  ? ? N4    A C 4  ? ? 113.68 118.00 -4.32  0.70 N 
18 1 "O3'" A C 4  ? ? P     A U 5  ? ? OP2   A U 5  ? ? 119.72 110.50 9.22   1.10 Y 
19 1 N1    A U 5  ? ? C2    A U 5  ? ? N3    A U 5  ? ? 118.57 114.90 3.67   0.60 N 
20 1 C2    A U 5  ? ? N3    A U 5  ? ? C4    A U 5  ? ? 121.13 127.00 -5.87  0.60 N 
21 1 N3    A U 5  ? ? C4    A U 5  ? ? C5    A U 5  ? ? 118.40 114.60 3.80   0.60 N 
22 1 N3    A U 5  ? ? C4    A U 5  ? ? O4    A U 5  ? ? 114.18 119.40 -5.22  0.70 N 
23 1 "O3'" A U 5  ? ? P     A U 6  ? ? OP2   A U 6  ? ? 119.08 110.50 8.58   1.10 Y 
24 1 "O5'" A U 6  ? ? P     A U 6  ? ? OP1   A U 6  ? ? 99.96  105.70 -5.74  0.90 N 
25 1 P     A U 6  ? ? "O5'" A U 6  ? ? "C5'" A U 6  ? ? 131.90 120.90 11.00  1.60 N 
26 1 "O4'" A U 6  ? ? "C1'" A U 6  ? ? N1    A U 6  ? ? 112.94 108.50 4.44   0.70 N 
27 1 N1    A U 6  ? ? C2    A U 6  ? ? N3    A U 6  ? ? 119.48 114.90 4.58   0.60 N 
28 1 C2    A U 6  ? ? N3    A U 6  ? ? C4    A U 6  ? ? 119.71 127.00 -7.29  0.60 N 
29 1 N3    A U 6  ? ? C4    A U 6  ? ? C5    A U 6  ? ? 119.78 114.60 5.18   0.60 N 
30 1 C5    A U 6  ? ? C6    A U 6  ? ? N1    A U 6  ? ? 119.11 122.70 -3.59  0.50 N 
31 1 N1    A U 6  ? ? C2    A U 6  ? ? O2    A U 6  ? ? 117.11 122.80 -5.69  0.70 N 
32 1 "O3'" A U 6  ? ? P     A C 7  ? ? OP2   A C 7  ? ? 118.77 110.50 8.27   1.10 Y 
33 1 C6    A C 7  ? ? N1    A C 7  ? ? C2    A C 7  ? ? 123.73 120.30 3.43   0.40 N 
34 1 C2    A C 7  ? ? N3    A C 7  ? ? C4    A C 7  ? ? 123.29 119.90 3.39   0.50 N 
35 1 N3    A C 7  ? ? C4    A C 7  ? ? N4    A C 7  ? ? 111.86 118.00 -6.14  0.70 N 
36 1 C5    A C 7  ? ? C4    A C 7  ? ? N4    A C 7  ? ? 127.71 120.20 7.51   0.70 N 
37 1 "C3'" A C 7  ? ? "O3'" A C 7  ? ? P     A G 8  ? ? 112.30 119.70 -7.40  1.20 Y 
38 1 "O5'" A G 8  ? ? P     A G 8  ? ? OP2   A G 8  ? ? 119.79 110.70 9.09   1.20 N 
39 1 "O5'" A G 8  ? ? "C5'" A G 8  ? ? "C4'" A G 8  ? ? 102.41 109.40 -6.99  0.80 N 
40 1 "C5'" A G 8  ? ? "C4'" A G 8  ? ? "C3'" A G 8  ? ? 105.56 115.20 -9.64  1.40 N 
41 1 C6    A G 9  ? ? N1    A G 9  ? ? C2    A G 9  ? ? 121.31 125.10 -3.79  0.60 N 
42 1 C2    A G 9  ? ? N3    A G 9  ? ? C4    A G 9  ? ? 116.37 111.90 4.47   0.50 N 
43 1 N3    A G 9  ? ? C4    A G 9  ? ? C5    A G 9  ? ? 124.89 128.60 -3.71  0.50 N 
44 1 C5    A G 9  ? ? C6    A G 9  ? ? N1    A G 9  ? ? 115.78 111.50 4.28   0.50 N 
45 1 C4    A G 9  ? ? C5    A G 9  ? ? N7    A G 9  ? ? 108.18 110.80 -2.62  0.40 N 
46 1 N1    A G 9  ? ? C6    A G 9  ? ? O6    A G 9  ? ? 114.64 119.90 -5.26  0.60 N 
47 1 OP1   A U 10 ? ? P     A U 10 ? ? OP2   A U 10 ? ? 128.64 119.60 9.04   1.50 N 
48 1 N1    A U 10 ? ? C2    A U 10 ? ? N3    A U 10 ? ? 119.12 114.90 4.22   0.60 N 
49 1 C2    A U 10 ? ? N3    A U 10 ? ? C4    A U 10 ? ? 118.84 127.00 -8.16  0.60 N 
50 1 N3    A U 10 ? ? C4    A U 10 ? ? C5    A U 10 ? ? 121.92 114.60 7.32   0.60 N 
51 1 N3    A U 10 ? ? C2    A U 10 ? ? O2    A U 10 ? ? 117.67 122.20 -4.53  0.70 N 
52 1 N3    A U 10 ? ? C4    A U 10 ? ? O4    A U 10 ? ? 110.82 119.40 -8.58  0.70 N 
53 1 "O3'" A C 11 ? ? P     A C 12 ? ? OP1   A C 12 ? ? 87.90  105.20 -17.30 2.20 Y 
54 1 N3    A C 12 ? ? C4    A C 12 ? ? N4    A C 12 ? ? 109.44 118.00 -8.56  0.70 N 
55 1 C5    A C 12 ? ? C4    A C 12 ? ? N4    A C 12 ? ? 127.57 120.20 7.37   0.70 N 
# 
loop_
_pdbx_struct_special_symmetry.id 
_pdbx_struct_special_symmetry.PDB_model_num 
_pdbx_struct_special_symmetry.auth_asym_id 
_pdbx_struct_special_symmetry.auth_comp_id 
_pdbx_struct_special_symmetry.auth_seq_id 
_pdbx_struct_special_symmetry.PDB_ins_code 
_pdbx_struct_special_symmetry.label_asym_id 
_pdbx_struct_special_symmetry.label_comp_id 
_pdbx_struct_special_symmetry.label_seq_id 
1 1 A HOH 39 ? B HOH . 
2 1 A HOH 58 ? B HOH . 
# 
loop_
_refine_B_iso.class 
_refine_B_iso.details 
_refine_B_iso.treatment 
_refine_B_iso.pdbx_refine_id 
'ALL ATOMS'  TR isotropic 'X-RAY DIFFRACTION' 
'ALL WATERS' TR isotropic 'X-RAY DIFFRACTION' 
# 
loop_
_refine_occupancy.class 
_refine_occupancy.treatment 
_refine_occupancy.pdbx_refine_id 
'ALL ATOMS'  fix 'X-RAY DIFFRACTION' 
'ALL WATERS' fix 'X-RAY DIFFRACTION' 
# 
loop_
_chem_comp_atom.comp_id 
_chem_comp_atom.atom_id 
_chem_comp_atom.type_symbol 
_chem_comp_atom.pdbx_aromatic_flag 
_chem_comp_atom.pdbx_stereo_config 
_chem_comp_atom.pdbx_ordinal 
A   OP3    O N N 1   
A   P      P N N 2   
A   OP1    O N N 3   
A   OP2    O N N 4   
A   "O5'"  O N N 5   
A   "C5'"  C N N 6   
A   "C4'"  C N R 7   
A   "O4'"  O N N 8   
A   "C3'"  C N S 9   
A   "O3'"  O N N 10  
A   "C2'"  C N R 11  
A   "O2'"  O N N 12  
A   "C1'"  C N R 13  
A   N9     N Y N 14  
A   C8     C Y N 15  
A   N7     N Y N 16  
A   C5     C Y N 17  
A   C6     C Y N 18  
A   N6     N N N 19  
A   N1     N Y N 20  
A   C2     C Y N 21  
A   N3     N Y N 22  
A   C4     C Y N 23  
A   HOP3   H N N 24  
A   HOP2   H N N 25  
A   "H5'"  H N N 26  
A   "H5''" H N N 27  
A   "H4'"  H N N 28  
A   "H3'"  H N N 29  
A   "HO3'" H N N 30  
A   "H2'"  H N N 31  
A   "HO2'" H N N 32  
A   "H1'"  H N N 33  
A   H8     H N N 34  
A   H61    H N N 35  
A   H62    H N N 36  
A   H2     H N N 37  
C   OP3    O N N 38  
C   P      P N N 39  
C   OP1    O N N 40  
C   OP2    O N N 41  
C   "O5'"  O N N 42  
C   "C5'"  C N N 43  
C   "C4'"  C N R 44  
C   "O4'"  O N N 45  
C   "C3'"  C N S 46  
C   "O3'"  O N N 47  
C   "C2'"  C N R 48  
C   "O2'"  O N N 49  
C   "C1'"  C N R 50  
C   N1     N N N 51  
C   C2     C N N 52  
C   O2     O N N 53  
C   N3     N N N 54  
C   C4     C N N 55  
C   N4     N N N 56  
C   C5     C N N 57  
C   C6     C N N 58  
C   HOP3   H N N 59  
C   HOP2   H N N 60  
C   "H5'"  H N N 61  
C   "H5''" H N N 62  
C   "H4'"  H N N 63  
C   "H3'"  H N N 64  
C   "HO3'" H N N 65  
C   "H2'"  H N N 66  
C   "HO2'" H N N 67  
C   "H1'"  H N N 68  
C   H41    H N N 69  
C   H42    H N N 70  
C   H5     H N N 71  
C   H6     H N N 72  
G   OP3    O N N 73  
G   P      P N N 74  
G   OP1    O N N 75  
G   OP2    O N N 76  
G   "O5'"  O N N 77  
G   "C5'"  C N N 78  
G   "C4'"  C N R 79  
G   "O4'"  O N N 80  
G   "C3'"  C N S 81  
G   "O3'"  O N N 82  
G   "C2'"  C N R 83  
G   "O2'"  O N N 84  
G   "C1'"  C N R 85  
G   N9     N Y N 86  
G   C8     C Y N 87  
G   N7     N Y N 88  
G   C5     C Y N 89  
G   C6     C N N 90  
G   O6     O N N 91  
G   N1     N N N 92  
G   C2     C N N 93  
G   N2     N N N 94  
G   N3     N N N 95  
G   C4     C Y N 96  
G   HOP3   H N N 97  
G   HOP2   H N N 98  
G   "H5'"  H N N 99  
G   "H5''" H N N 100 
G   "H4'"  H N N 101 
G   "H3'"  H N N 102 
G   "HO3'" H N N 103 
G   "H2'"  H N N 104 
G   "HO2'" H N N 105 
G   "H1'"  H N N 106 
G   H8     H N N 107 
G   H1     H N N 108 
G   H21    H N N 109 
G   H22    H N N 110 
HOH O      O N N 111 
HOH H1     H N N 112 
HOH H2     H N N 113 
U   OP3    O N N 114 
U   P      P N N 115 
U   OP1    O N N 116 
U   OP2    O N N 117 
U   "O5'"  O N N 118 
U   "C5'"  C N N 119 
U   "C4'"  C N R 120 
U   "O4'"  O N N 121 
U   "C3'"  C N S 122 
U   "O3'"  O N N 123 
U   "C2'"  C N R 124 
U   "O2'"  O N N 125 
U   "C1'"  C N R 126 
U   N1     N N N 127 
U   C2     C N N 128 
U   O2     O N N 129 
U   N3     N N N 130 
U   C4     C N N 131 
U   O4     O N N 132 
U   C5     C N N 133 
U   C6     C N N 134 
U   HOP3   H N N 135 
U   HOP2   H N N 136 
U   "H5'"  H N N 137 
U   "H5''" H N N 138 
U   "H4'"  H N N 139 
U   "H3'"  H N N 140 
U   "HO3'" H N N 141 
U   "H2'"  H N N 142 
U   "HO2'" H N N 143 
U   "H1'"  H N N 144 
U   H3     H N N 145 
U   H5     H N N 146 
U   H6     H N N 147 
# 
loop_
_chem_comp_bond.comp_id 
_chem_comp_bond.atom_id_1 
_chem_comp_bond.atom_id_2 
_chem_comp_bond.value_order 
_chem_comp_bond.pdbx_aromatic_flag 
_chem_comp_bond.pdbx_stereo_config 
_chem_comp_bond.pdbx_ordinal 
A   OP3   P      sing N N 1   
A   OP3   HOP3   sing N N 2   
A   P     OP1    doub N N 3   
A   P     OP2    sing N N 4   
A   P     "O5'"  sing N N 5   
A   OP2   HOP2   sing N N 6   
A   "O5'" "C5'"  sing N N 7   
A   "C5'" "C4'"  sing N N 8   
A   "C5'" "H5'"  sing N N 9   
A   "C5'" "H5''" sing N N 10  
A   "C4'" "O4'"  sing N N 11  
A   "C4'" "C3'"  sing N N 12  
A   "C4'" "H4'"  sing N N 13  
A   "O4'" "C1'"  sing N N 14  
A   "C3'" "O3'"  sing N N 15  
A   "C3'" "C2'"  sing N N 16  
A   "C3'" "H3'"  sing N N 17  
A   "O3'" "HO3'" sing N N 18  
A   "C2'" "O2'"  sing N N 19  
A   "C2'" "C1'"  sing N N 20  
A   "C2'" "H2'"  sing N N 21  
A   "O2'" "HO2'" sing N N 22  
A   "C1'" N9     sing N N 23  
A   "C1'" "H1'"  sing N N 24  
A   N9    C8     sing Y N 25  
A   N9    C4     sing Y N 26  
A   C8    N7     doub Y N 27  
A   C8    H8     sing N N 28  
A   N7    C5     sing Y N 29  
A   C5    C6     sing Y N 30  
A   C5    C4     doub Y N 31  
A   C6    N6     sing N N 32  
A   C6    N1     doub Y N 33  
A   N6    H61    sing N N 34  
A   N6    H62    sing N N 35  
A   N1    C2     sing Y N 36  
A   C2    N3     doub Y N 37  
A   C2    H2     sing N N 38  
A   N3    C4     sing Y N 39  
C   OP3   P      sing N N 40  
C   OP3   HOP3   sing N N 41  
C   P     OP1    doub N N 42  
C   P     OP2    sing N N 43  
C   P     "O5'"  sing N N 44  
C   OP2   HOP2   sing N N 45  
C   "O5'" "C5'"  sing N N 46  
C   "C5'" "C4'"  sing N N 47  
C   "C5'" "H5'"  sing N N 48  
C   "C5'" "H5''" sing N N 49  
C   "C4'" "O4'"  sing N N 50  
C   "C4'" "C3'"  sing N N 51  
C   "C4'" "H4'"  sing N N 52  
C   "O4'" "C1'"  sing N N 53  
C   "C3'" "O3'"  sing N N 54  
C   "C3'" "C2'"  sing N N 55  
C   "C3'" "H3'"  sing N N 56  
C   "O3'" "HO3'" sing N N 57  
C   "C2'" "O2'"  sing N N 58  
C   "C2'" "C1'"  sing N N 59  
C   "C2'" "H2'"  sing N N 60  
C   "O2'" "HO2'" sing N N 61  
C   "C1'" N1     sing N N 62  
C   "C1'" "H1'"  sing N N 63  
C   N1    C2     sing N N 64  
C   N1    C6     sing N N 65  
C   C2    O2     doub N N 66  
C   C2    N3     sing N N 67  
C   N3    C4     doub N N 68  
C   C4    N4     sing N N 69  
C   C4    C5     sing N N 70  
C   N4    H41    sing N N 71  
C   N4    H42    sing N N 72  
C   C5    C6     doub N N 73  
C   C5    H5     sing N N 74  
C   C6    H6     sing N N 75  
G   OP3   P      sing N N 76  
G   OP3   HOP3   sing N N 77  
G   P     OP1    doub N N 78  
G   P     OP2    sing N N 79  
G   P     "O5'"  sing N N 80  
G   OP2   HOP2   sing N N 81  
G   "O5'" "C5'"  sing N N 82  
G   "C5'" "C4'"  sing N N 83  
G   "C5'" "H5'"  sing N N 84  
G   "C5'" "H5''" sing N N 85  
G   "C4'" "O4'"  sing N N 86  
G   "C4'" "C3'"  sing N N 87  
G   "C4'" "H4'"  sing N N 88  
G   "O4'" "C1'"  sing N N 89  
G   "C3'" "O3'"  sing N N 90  
G   "C3'" "C2'"  sing N N 91  
G   "C3'" "H3'"  sing N N 92  
G   "O3'" "HO3'" sing N N 93  
G   "C2'" "O2'"  sing N N 94  
G   "C2'" "C1'"  sing N N 95  
G   "C2'" "H2'"  sing N N 96  
G   "O2'" "HO2'" sing N N 97  
G   "C1'" N9     sing N N 98  
G   "C1'" "H1'"  sing N N 99  
G   N9    C8     sing Y N 100 
G   N9    C4     sing Y N 101 
G   C8    N7     doub Y N 102 
G   C8    H8     sing N N 103 
G   N7    C5     sing Y N 104 
G   C5    C6     sing N N 105 
G   C5    C4     doub Y N 106 
G   C6    O6     doub N N 107 
G   C6    N1     sing N N 108 
G   N1    C2     sing N N 109 
G   N1    H1     sing N N 110 
G   C2    N2     sing N N 111 
G   C2    N3     doub N N 112 
G   N2    H21    sing N N 113 
G   N2    H22    sing N N 114 
G   N3    C4     sing N N 115 
HOH O     H1     sing N N 116 
HOH O     H2     sing N N 117 
U   OP3   P      sing N N 118 
U   OP3   HOP3   sing N N 119 
U   P     OP1    doub N N 120 
U   P     OP2    sing N N 121 
U   P     "O5'"  sing N N 122 
U   OP2   HOP2   sing N N 123 
U   "O5'" "C5'"  sing N N 124 
U   "C5'" "C4'"  sing N N 125 
U   "C5'" "H5'"  sing N N 126 
U   "C5'" "H5''" sing N N 127 
U   "C4'" "O4'"  sing N N 128 
U   "C4'" "C3'"  sing N N 129 
U   "C4'" "H4'"  sing N N 130 
U   "O4'" "C1'"  sing N N 131 
U   "C3'" "O3'"  sing N N 132 
U   "C3'" "C2'"  sing N N 133 
U   "C3'" "H3'"  sing N N 134 
U   "O3'" "HO3'" sing N N 135 
U   "C2'" "O2'"  sing N N 136 
U   "C2'" "C1'"  sing N N 137 
U   "C2'" "H2'"  sing N N 138 
U   "O2'" "HO2'" sing N N 139 
U   "C1'" N1     sing N N 140 
U   "C1'" "H1'"  sing N N 141 
U   N1    C2     sing N N 142 
U   N1    C6     sing N N 143 
U   C2    O2     doub N N 144 
U   C2    N3     sing N N 145 
U   N3    C4     sing N N 146 
U   N3    H3     sing N N 147 
U   C4    O4     doub N N 148 
U   C4    C5     sing N N 149 
U   C5    C6     doub N N 150 
U   C5    H5     sing N N 151 
U   C6    H6     sing N N 152 
# 
loop_
_ndb_struct_conf_na.entry_id 
_ndb_struct_conf_na.feature 
255D 'double helix'         
255D 'a-form double helix'  
255D 'mismatched base pair' 
# 
loop_
_ndb_struct_na_base_pair.model_number 
_ndb_struct_na_base_pair.i_label_asym_id 
_ndb_struct_na_base_pair.i_label_comp_id 
_ndb_struct_na_base_pair.i_label_seq_id 
_ndb_struct_na_base_pair.i_symmetry 
_ndb_struct_na_base_pair.j_label_asym_id 
_ndb_struct_na_base_pair.j_label_comp_id 
_ndb_struct_na_base_pair.j_label_seq_id 
_ndb_struct_na_base_pair.j_symmetry 
_ndb_struct_na_base_pair.shear 
_ndb_struct_na_base_pair.stretch 
_ndb_struct_na_base_pair.stagger 
_ndb_struct_na_base_pair.buckle 
_ndb_struct_na_base_pair.propeller 
_ndb_struct_na_base_pair.opening 
_ndb_struct_na_base_pair.pair_number 
_ndb_struct_na_base_pair.pair_name 
_ndb_struct_na_base_pair.i_auth_asym_id 
_ndb_struct_na_base_pair.i_auth_seq_id 
_ndb_struct_na_base_pair.i_PDB_ins_code 
_ndb_struct_na_base_pair.j_auth_asym_id 
_ndb_struct_na_base_pair.j_auth_seq_id 
_ndb_struct_na_base_pair.j_PDB_ins_code 
_ndb_struct_na_base_pair.hbond_type_28 
_ndb_struct_na_base_pair.hbond_type_12 
1 A G 1  1_555 A C 12 2_656 -0.298 -0.120 -0.153 0.040  0.663   1.779   1  A_G1:C12_A A 1  ? A 12 ? 19 1 
1 A G 2  1_555 A C 11 2_656 -0.207 -0.258 -0.149 -1.755 -12.543 2.507   2  A_G2:C11_A A 2  ? A 11 ? 19 1 
1 A A 3  1_555 A U 10 2_656 -0.150 -0.095 -0.148 -5.907 -5.106  3.685   3  A_A3:U10_A A 3  ? A 10 ? 20 1 
1 A C 4  1_555 A G 9  2_656 0.118  -0.064 -0.090 3.547  -6.622  0.987   4  A_C4:G9_A  A 4  ? A 9  ? 19 1 
1 A U 5  1_555 A G 8  2_656 2.360  -0.590 0.072  -7.871 -12.854 0.904   5  A_U5:G8_A  A 5  ? A 8  ? 28 ? 
1 A U 6  1_555 A C 7  2_656 -0.547 0.041  0.149  -9.508 8.336   -37.641 6  A_U6:C7_A  A 6  ? A 7  ? ?  ? 
1 A C 7  1_555 A U 6  2_656 0.547  0.041  0.149  9.508  8.336   -37.641 7  A_C7:U6_A  A 7  ? A 6  ? ?  ? 
1 A G 8  1_555 A U 5  2_656 -2.360 -0.590 0.072  7.871  -12.854 0.904   8  A_G8:U5_A  A 8  ? A 5  ? 28 ? 
1 A G 9  1_555 A C 4  2_656 -0.118 -0.064 -0.090 -3.547 -6.622  0.987   9  A_G9:C4_A  A 9  ? A 4  ? 19 1 
1 A U 10 1_555 A A 3  2_656 0.150  -0.095 -0.148 5.907  -5.106  3.685   10 A_U10:A3_A A 10 ? A 3  ? 20 1 
1 A C 11 1_555 A G 2  2_656 0.207  -0.258 -0.149 1.755  -12.543 2.507   11 A_C11:G2_A A 11 ? A 2  ? 19 1 
1 A C 12 1_555 A G 1  2_656 0.298  -0.120 -0.153 -0.040 0.663   1.779   12 A_C12:G1_A A 12 ? A 1  ? 19 1 
# 
loop_
_ndb_struct_na_base_pair_step.model_number 
_ndb_struct_na_base_pair_step.i_label_asym_id_1 
_ndb_struct_na_base_pair_step.i_label_comp_id_1 
_ndb_struct_na_base_pair_step.i_label_seq_id_1 
_ndb_struct_na_base_pair_step.i_symmetry_1 
_ndb_struct_na_base_pair_step.j_label_asym_id_1 
_ndb_struct_na_base_pair_step.j_label_comp_id_1 
_ndb_struct_na_base_pair_step.j_label_seq_id_1 
_ndb_struct_na_base_pair_step.j_symmetry_1 
_ndb_struct_na_base_pair_step.i_label_asym_id_2 
_ndb_struct_na_base_pair_step.i_label_comp_id_2 
_ndb_struct_na_base_pair_step.i_label_seq_id_2 
_ndb_struct_na_base_pair_step.i_symmetry_2 
_ndb_struct_na_base_pair_step.j_label_asym_id_2 
_ndb_struct_na_base_pair_step.j_label_comp_id_2 
_ndb_struct_na_base_pair_step.j_label_seq_id_2 
_ndb_struct_na_base_pair_step.j_symmetry_2 
_ndb_struct_na_base_pair_step.shift 
_ndb_struct_na_base_pair_step.slide 
_ndb_struct_na_base_pair_step.rise 
_ndb_struct_na_base_pair_step.tilt 
_ndb_struct_na_base_pair_step.roll 
_ndb_struct_na_base_pair_step.twist 
_ndb_struct_na_base_pair_step.x_displacement 
_ndb_struct_na_base_pair_step.y_displacement 
_ndb_struct_na_base_pair_step.helical_rise 
_ndb_struct_na_base_pair_step.inclination 
_ndb_struct_na_base_pair_step.tip 
_ndb_struct_na_base_pair_step.helical_twist 
_ndb_struct_na_base_pair_step.step_number 
_ndb_struct_na_base_pair_step.step_name 
_ndb_struct_na_base_pair_step.i_auth_asym_id_1 
_ndb_struct_na_base_pair_step.i_auth_seq_id_1 
_ndb_struct_na_base_pair_step.i_PDB_ins_code_1 
_ndb_struct_na_base_pair_step.j_auth_asym_id_1 
_ndb_struct_na_base_pair_step.j_auth_seq_id_1 
_ndb_struct_na_base_pair_step.j_PDB_ins_code_1 
_ndb_struct_na_base_pair_step.i_auth_asym_id_2 
_ndb_struct_na_base_pair_step.i_auth_seq_id_2 
_ndb_struct_na_base_pair_step.i_PDB_ins_code_2 
_ndb_struct_na_base_pair_step.j_auth_asym_id_2 
_ndb_struct_na_base_pair_step.j_auth_seq_id_2 
_ndb_struct_na_base_pair_step.j_PDB_ins_code_2 
1 A G 1  1_555 A C 12 2_656 A G 2  1_555 A C 11 2_656 -0.697 -2.001 3.366 -2.305 9.034 32.553 -4.834 0.841  2.769 15.718 4.011  
33.827 1  AA_G1G2:C11C12_AA A 1  ? A 12 ? A 2  ? A 11 ? 
1 A G 2  1_555 A C 11 2_656 A A 3  1_555 A U 10 2_656 -0.152 -1.618 3.416 -1.527 6.966 31.795 -4.093 0.006  3.007 12.519 2.744  
32.565 2  AA_G2A3:U10C11_AA A 2  ? A 11 ? A 3  ? A 10 ? 
1 A A 3  1_555 A U 10 2_656 A C 4  1_555 A G 9  2_656 0.791  -2.331 3.083 2.489  4.080 24.118 -6.601 -1.172 2.724 9.644  -5.883 
24.580 3  AA_A3C4:G9U10_AA  A 3  ? A 10 ? A 4  ? A 9  ? 
1 A C 4  1_555 A G 9  2_656 A U 5  1_555 A G 8  2_656 0.500  -1.917 3.549 2.771  5.895 45.487 -2.994 -0.388 3.313 7.578  -3.562 
45.926 4  AA_C4U5:G8G9_AA   A 4  ? A 9  ? A 5  ? A 8  ? 
1 A U 5  1_555 A G 8  2_656 A U 6  1_555 A C 7  2_656 -3.290 -2.243 3.405 2.511  8.823 18.937 -9.237 9.896  1.748 25.004 -7.117 
21.024 5  AA_U5U6:C7G8_AA   A 5  ? A 8  ? A 6  ? A 7  ? 
1 A U 6  1_555 A C 7  2_656 A C 7  1_555 A U 6  2_656 0.000  -1.675 3.205 0.000  6.093 33.479 -3.773 0.000  2.865 10.469 0.000  
34.013 6  AA_U6C7:U6C7_AA   A 6  ? A 7  ? A 7  ? A 6  ? 
1 A C 7  1_555 A U 6  2_656 A G 8  1_555 A U 5  2_656 3.290  -2.243 3.405 -2.511 8.823 18.937 -9.237 -9.896 1.748 25.004 7.117  
21.024 7  AA_C7G8:U5U6_AA   A 7  ? A 6  ? A 8  ? A 5  ? 
1 A G 8  1_555 A U 5  2_656 A G 9  1_555 A C 4  2_656 -0.500 -1.917 3.549 -2.771 5.895 45.487 -2.994 0.388  3.313 7.578  3.562  
45.926 8  AA_G8G9:C4U5_AA   A 8  ? A 5  ? A 9  ? A 4  ? 
1 A G 9  1_555 A C 4  2_656 A U 10 1_555 A A 3  2_656 -0.791 -2.331 3.083 -2.489 4.080 24.118 -6.601 1.172  2.724 9.644  5.883  
24.580 9  AA_G9U10:A3C4_AA  A 9  ? A 4  ? A 10 ? A 3  ? 
1 A U 10 1_555 A A 3  2_656 A C 11 1_555 A G 2  2_656 0.152  -1.618 3.416 1.527  6.966 31.795 -4.093 -0.006 3.007 12.519 -2.744 
32.565 10 AA_U10C11:G2A3_AA A 10 ? A 3  ? A 11 ? A 2  ? 
1 A C 11 1_555 A G 2  2_656 A C 12 1_555 A G 1  2_656 0.697  -2.001 3.366 2.305  9.034 32.553 -4.834 -0.841 2.769 15.718 -4.011 
33.827 11 AA_C11C12:G1G2_AA A 11 ? A 2  ? A 12 ? A 1  ? 
# 
_atom_sites.entry_id                    255D 
_atom_sites.fract_transf_matrix[1][1]   0.00411324 
_atom_sites.fract_transf_matrix[1][2]   -0.02376237 
_atom_sites.fract_transf_matrix[1][3]   -0.02074807 
_atom_sites.fract_transf_matrix[2][1]   0.02902018 
_atom_sites.fract_transf_matrix[2][2]   -0.00383153 
_atom_sites.fract_transf_matrix[2][3]   0.01014135 
_atom_sites.fract_transf_matrix[3][1]   -0.00646854 
_atom_sites.fract_transf_matrix[3][2]   -0.03222749 
_atom_sites.fract_transf_matrix[3][3]   0.00633422 
_atom_sites.fract_transf_vector[1]      0.539378 
_atom_sites.fract_transf_vector[2]      0.970843 
_atom_sites.fract_transf_vector[3]      0.534298 
# 
loop_
_atom_type.symbol 
C 
N 
O 
P 
# 
loop_
_atom_site.group_PDB 
_atom_site.id 
_atom_site.type_symbol 
_atom_site.label_atom_id 
_atom_site.label_alt_id 
_atom_site.label_comp_id 
_atom_site.label_asym_id 
_atom_site.label_entity_id 
_atom_site.label_seq_id 
_atom_site.pdbx_PDB_ins_code 
_atom_site.Cartn_x 
_atom_site.Cartn_y 
_atom_site.Cartn_z 
_atom_site.occupancy 
_atom_site.B_iso_or_equiv 
_atom_site.pdbx_formal_charge 
_atom_site.auth_seq_id 
_atom_site.auth_comp_id 
_atom_site.auth_asym_id 
_atom_site.auth_atom_id 
_atom_site.pdbx_PDB_model_num 
ATOM   1   O OP3   . G   A 1 1  ? 7.211   12.740  -0.323  1.00 32.40 ? 1  G   A OP3   1 
ATOM   2   P P     . G   A 1 1  ? 6.392   14.040  0.242   1.00 32.55 ? 1  G   A P     1 
ATOM   3   O OP1   . G   A 1 1  ? 5.008   13.430  0.619   1.00 32.01 ? 1  G   A OP1   1 
ATOM   4   O OP2   . G   A 1 1  ? 6.473   14.921  -1.038  1.00 31.90 ? 1  G   A OP2   1 
ATOM   5   O "O5'" . G   A 1 1  ? 7.063   14.425  1.622   1.00 29.61 ? 1  G   A "O5'" 1 
ATOM   6   C "C5'" . G   A 1 1  ? 8.493   14.294  1.623   1.00 25.81 ? 1  G   A "C5'" 1 
ATOM   7   C "C4'" . G   A 1 1  ? 8.859   14.742  3.013   1.00 22.69 ? 1  G   A "C4'" 1 
ATOM   8   O "O4'" . G   A 1 1  ? 8.120   15.850  3.477   1.00 21.38 ? 1  G   A "O4'" 1 
ATOM   9   C "C3'" . G   A 1 1  ? 8.564   13.635  4.030   1.00 21.94 ? 1  G   A "C3'" 1 
ATOM   10  O "O3'" . G   A 1 1  ? 9.459   12.545  3.817   1.00 22.29 ? 1  G   A "O3'" 1 
ATOM   11  C "C2'" . G   A 1 1  ? 8.554   14.423  5.343   1.00 20.38 ? 1  G   A "C2'" 1 
ATOM   12  O "O2'" . G   A 1 1  ? 9.923   14.643  5.651   1.00 21.09 ? 1  G   A "O2'" 1 
ATOM   13  C "C1'" . G   A 1 1  ? 7.893   15.701  4.857   1.00 17.45 ? 1  G   A "C1'" 1 
ATOM   14  N N9    . G   A 1 1  ? 6.421   15.621  4.995   1.00 15.64 ? 1  G   A N9    1 
ATOM   15  C C8    . G   A 1 1  ? 5.509   15.866  4.050   1.00 13.98 ? 1  G   A C8    1 
ATOM   16  N N7    . G   A 1 1  ? 4.292   15.805  4.552   1.00 14.02 ? 1  G   A N7    1 
ATOM   17  C C5    . G   A 1 1  ? 4.443   15.576  5.906   1.00 13.08 ? 1  G   A C5    1 
ATOM   18  C C6    . G   A 1 1  ? 3.514   15.471  6.950   1.00 13.33 ? 1  G   A C6    1 
ATOM   19  O O6    . G   A 1 1  ? 2.286   15.528  6.931   1.00 13.54 ? 1  G   A O6    1 
ATOM   20  N N1    . G   A 1 1  ? 4.102   15.312  8.164   1.00 12.82 ? 1  G   A N1    1 
ATOM   21  C C2    . G   A 1 1  ? 5.433   15.207  8.356   1.00 12.50 ? 1  G   A C2    1 
ATOM   22  N N2    . G   A 1 1  ? 5.752   14.990  9.631   1.00 13.22 ? 1  G   A N2    1 
ATOM   23  N N3    . G   A 1 1  ? 6.360   15.302  7.418   1.00 13.63 ? 1  G   A N3    1 
ATOM   24  C C4    . G   A 1 1  ? 5.784   15.518  6.190   1.00 13.72 ? 1  G   A C4    1 
ATOM   25  P P     . G   A 1 2  ? 8.816   11.010  4.194   1.00 21.60 ? 2  G   A P     1 
ATOM   26  O OP1   . G   A 1 2  ? 10.084  10.441  3.699   1.00 22.08 ? 2  G   A OP1   1 
ATOM   27  O OP2   . G   A 1 2  ? 7.555   11.107  3.399   1.00 21.21 ? 2  G   A OP2   1 
ATOM   28  O "O5'" . G   A 1 2  ? 8.896   11.019  5.742   1.00 20.37 ? 2  G   A "O5'" 1 
ATOM   29  C "C5'" . G   A 1 2  ? 10.111  11.152  6.554   1.00 17.58 ? 2  G   A "C5'" 1 
ATOM   30  C "C4'" . G   A 1 2  ? 9.657   10.964  7.979   1.00 16.27 ? 2  G   A "C4'" 1 
ATOM   31  O "O4'" . G   A 1 2  ? 8.784   11.999  8.404   1.00 15.10 ? 2  G   A "O4'" 1 
ATOM   32  C "C3'" . G   A 1 2  ? 8.814   9.708   8.143   1.00 15.39 ? 2  G   A "C3'" 1 
ATOM   33  O "O3'" . G   A 1 2  ? 9.616   8.527   8.161   1.00 16.35 ? 2  G   A "O3'" 1 
ATOM   34  C "C2'" . G   A 1 2  ? 8.081   9.990   9.459   1.00 14.27 ? 2  G   A "C2'" 1 
ATOM   35  O "O2'" . G   A 1 2  ? 9.071   9.990   10.474  1.00 15.38 ? 2  G   A "O2'" 1 
ATOM   36  C "C1'" . G   A 1 2  ? 7.766   11.469  9.244   1.00 11.62 ? 2  G   A "C1'" 1 
ATOM   37  N N9    . G   A 1 2  ? 6.483   11.618  8.531   1.00 10.64 ? 2  G   A N9    1 
ATOM   38  C C8    . G   A 1 2  ? 6.220   11.911  7.227   1.00 8.99  ? 2  G   A C8    1 
ATOM   39  N N7    . G   A 1 2  ? 4.940   11.960  6.964   1.00 9.16  ? 2  G   A N7    1 
ATOM   40  C C5    . G   A 1 2  ? 4.339   11.803  8.231   1.00 8.58  ? 2  G   A C5    1 
ATOM   41  C C6    . G   A 1 2  ? 2.994   11.810  8.630   1.00 8.37  ? 2  G   A C6    1 
ATOM   42  O O6    . G   A 1 2  ? 2.032   12.050  7.923   1.00 9.09  ? 2  G   A O6    1 
ATOM   43  N N1    . G   A 1 2  ? 2.777   11.552  9.942   1.00 8.02  ? 2  G   A N1    1 
ATOM   44  C C2    . G   A 1 2  ? 3.784   11.304  10.812  1.00 7.74  ? 2  G   A C2    1 
ATOM   45  N N2    . G   A 1 2  ? 3.446   11.029  12.071  1.00 8.93  ? 2  G   A N2    1 
ATOM   46  N N3    . G   A 1 2  ? 5.065   11.296  10.498  1.00 8.84  ? 2  G   A N3    1 
ATOM   47  C C4    . G   A 1 2  ? 5.282   11.585  9.196   1.00 8.69  ? 2  G   A C4    1 
ATOM   48  P P     . A   A 1 3  ? 8.836   7.180   7.620   1.00 16.71 ? 3  A   A P     1 
ATOM   49  O OP1   . A   A 1 3  ? 10.016  6.328   7.963   1.00 18.05 ? 3  A   A OP1   1 
ATOM   50  O OP2   . A   A 1 3  ? 8.118   7.148   6.406   1.00 16.52 ? 3  A   A OP2   1 
ATOM   51  O "O5'" . A   A 1 3  ? 7.876   6.727   8.913   1.00 15.11 ? 3  A   A "O5'" 1 
ATOM   52  C "C5'" . A   A 1 3  ? 8.502   6.579   10.218  1.00 12.32 ? 3  A   A "C5'" 1 
ATOM   53  C "C4'" . A   A 1 3  ? 7.295   6.280   11.094  1.00 11.08 ? 3  A   A "C4'" 1 
ATOM   54  O "O4'" . A   A 1 3  ? 6.508   7.457   11.228  1.00 9.97  ? 3  A   A "O4'" 1 
ATOM   55  C "C3'" . A   A 1 3  ? 6.327   5.231   10.609  1.00 10.35 ? 3  A   A "C3'" 1 
ATOM   56  O "O3'" . A   A 1 3  ? 6.895   3.903   10.748  1.00 10.97 ? 3  A   A "O3'" 1 
ATOM   57  C "C2'" . A   A 1 3  ? 5.081   5.584   11.451  1.00 9.49  ? 3  A   A "C2'" 1 
ATOM   58  O "O2'" . A   A 1 3  ? 5.346   5.009   12.741  1.00 9.21  ? 3  A   A "O2'" 1 
ATOM   59  C "C1'" . A   A 1 3  ? 5.114   7.082   11.526  1.00 7.65  ? 3  A   A "C1'" 1 
ATOM   60  N N9    . A   A 1 3  ? 4.298   7.649   10.425  1.00 6.70  ? 3  A   A N9    1 
ATOM   61  C C8    . A   A 1 3  ? 4.844   8.013   9.200   1.00 5.71  ? 3  A   A C8    1 
ATOM   62  N N7    . A   A 1 3  ? 3.910   8.343   8.348   1.00 5.58  ? 3  A   A N7    1 
ATOM   63  C C5    . A   A 1 3  ? 2.713   8.161   9.042   1.00 4.99  ? 3  A   A C5    1 
ATOM   64  C C6    . A   A 1 3  ? 1.394   8.517   8.711   1.00 4.72  ? 3  A   A C6    1 
ATOM   65  N N6    . A   A 1 3  ? 0.925   8.974   7.563   1.00 5.10  ? 3  A   A N6    1 
ATOM   66  N N1    . A   A 1 3  ? 0.459   8.214   9.692   1.00 4.60  ? 3  A   A N1    1 
ATOM   67  C C2    . A   A 1 3  ? 0.802   7.663   10.872  1.00 3.88  ? 3  A   A C2    1 
ATOM   68  N N3    . A   A 1 3  ? 2.032   7.420   11.202  1.00 5.82  ? 3  A   A N3    1 
ATOM   69  C C4    . A   A 1 3  ? 2.934   7.783   10.339  1.00 5.06  ? 3  A   A C4    1 
ATOM   70  P P     . C   A 1 4  ? 6.409   2.699   9.813   1.00 10.60 ? 4  C   A P     1 
ATOM   71  O OP1   . C   A 1 4  ? 7.153   1.583   10.419  1.00 10.90 ? 4  C   A OP1   1 
ATOM   72  O OP2   . C   A 1 4  ? 6.400   2.861   8.421   1.00 10.52 ? 4  C   A OP2   1 
ATOM   73  O "O5'" . C   A 1 4  ? 5.042   2.565   10.419  1.00 10.08 ? 4  C   A "O5'" 1 
ATOM   74  C "C5'" . C   A 1 4  ? 3.927   1.894   9.810   1.00 10.36 ? 4  C   A "C5'" 1 
ATOM   75  C "C4'" . C   A 1 4  ? 2.690   2.239   10.616  1.00 9.48  ? 4  C   A "C4'" 1 
ATOM   76  O "O4'" . C   A 1 4  ? 2.461   3.663   10.529  1.00 9.65  ? 4  C   A "O4'" 1 
ATOM   77  C "C3'" . C   A 1 4  ? 1.465   1.607   9.939   1.00 9.69  ? 4  C   A "C3'" 1 
ATOM   78  O "O3'" . C   A 1 4  ? 1.305   0.234   10.372  1.00 10.39 ? 4  C   A "O3'" 1 
ATOM   79  C "C2'" . C   A 1 4  ? 0.355   2.555   10.319  1.00 8.81  ? 4  C   A "C2'" 1 
ATOM   80  O "O2'" . C   A 1 4  ? -0.038  2.205   11.608  1.00 9.42  ? 4  C   A "O2'" 1 
ATOM   81  C "C1'" . C   A 1 4  ? 1.041   3.913   10.347  1.00 7.64  ? 4  C   A "C1'" 1 
ATOM   82  N N1    . C   A 1 4  ? 0.902   4.548   9.014   1.00 6.49  ? 4  C   A N1    1 
ATOM   83  C C2    . C   A 1 4  ? -0.355  4.994   8.736   1.00 5.58  ? 4  C   A C2    1 
ATOM   84  O O2    . C   A 1 4  ? -1.297  4.869   9.511   1.00 6.89  ? 4  C   A O2    1 
ATOM   85  N N3    . C   A 1 4  ? -0.581  5.645   7.559   1.00 5.73  ? 4  C   A N3    1 
ATOM   86  C C4    . C   A 1 4  ? 0.425   5.771   6.700   1.00 5.61  ? 4  C   A C4    1 
ATOM   87  N N4    . C   A 1 4  ? 0.071   6.297   5.544   1.00 5.23  ? 4  C   A N4    1 
ATOM   88  C C5    . C   A 1 4  ? 1.743   5.350   7.008   1.00 5.30  ? 4  C   A C5    1 
ATOM   89  C C6    . C   A 1 4  ? 1.940   4.768   8.196   1.00 5.82  ? 4  C   A C6    1 
ATOM   90  P P     . U   A 1 5  ? 0.973   -0.820  9.248   1.00 10.23 ? 5  U   A P     1 
ATOM   91  O OP1   . U   A 1 5  ? 0.847   -2.003  10.047  1.00 10.10 ? 5  U   A OP1   1 
ATOM   92  O OP2   . U   A 1 5  ? 1.652   -0.764  8.016   1.00 9.43  ? 5  U   A OP2   1 
ATOM   93  O "O5'" . U   A 1 5  ? -0.555  -0.306  8.885   1.00 10.71 ? 5  U   A "O5'" 1 
ATOM   94  C "C5'" . U   A 1 5  ? -1.712  -0.378  9.703   1.00 9.77  ? 5  U   A "C5'" 1 
ATOM   95  C "C4'" . U   A 1 5  ? -2.920  0.233   9.052   1.00 9.28  ? 5  U   A "C4'" 1 
ATOM   96  O "O4'" . U   A 1 5  ? -2.726  1.640   8.830   1.00 9.44  ? 5  U   A "O4'" 1 
ATOM   97  C "C3'" . U   A 1 5  ? -3.353  -0.315  7.716   1.00 10.23 ? 5  U   A "C3'" 1 
ATOM   98  O "O3'" . U   A 1 5  ? -3.951  -1.627  7.847   1.00 11.45 ? 5  U   A "O3'" 1 
ATOM   99  C "C2'" . U   A 1 5  ? -4.232  0.817   7.208   1.00 8.89  ? 5  U   A "C2'" 1 
ATOM   100 O "O2'" . U   A 1 5  ? -5.465  0.723   7.842   1.00 8.98  ? 5  U   A "O2'" 1 
ATOM   101 C "C1'" . U   A 1 5  ? -3.514  2.072   7.697   1.00 8.04  ? 5  U   A "C1'" 1 
ATOM   102 N N1    . U   A 1 5  ? -2.584  2.525   6.688   1.00 7.20  ? 5  U   A N1    1 
ATOM   103 C C2    . U   A 1 5  ? -3.121  3.198   5.618   1.00 6.62  ? 5  U   A C2    1 
ATOM   104 O O2    . U   A 1 5  ? -4.310  3.392   5.546   1.00 7.19  ? 5  U   A O2    1 
ATOM   105 N N3    . U   A 1 5  ? -2.307  3.550   4.605   1.00 7.03  ? 5  U   A N3    1 
ATOM   106 C C4    . U   A 1 5  ? -0.945  3.251   4.638   1.00 6.95  ? 5  U   A C4    1 
ATOM   107 O O4    . U   A 1 5  ? -0.337  3.546   3.602   1.00 7.45  ? 5  U   A O4    1 
ATOM   108 C C5    . U   A 1 5  ? -0.431  2.563   5.768   1.00 6.75  ? 5  U   A C5    1 
ATOM   109 C C6    . U   A 1 5  ? -1.265  2.174   6.725   1.00 7.01  ? 5  U   A C6    1 
ATOM   110 P P     . U   A 1 6  ? -4.219  -2.520  6.502   1.00 12.49 ? 6  U   A P     1 
ATOM   111 O OP1   . U   A 1 6  ? -4.355  -3.849  7.178   1.00 13.36 ? 6  U   A OP1   1 
ATOM   112 O OP2   . U   A 1 6  ? -3.398  -2.343  5.403   1.00 12.32 ? 6  U   A OP2   1 
ATOM   113 O "O5'" . U   A 1 6  ? -5.786  -2.209  6.173   1.00 11.34 ? 6  U   A "O5'" 1 
ATOM   114 C "C5'" . U   A 1 6  ? -6.975  -2.376  6.948   1.00 10.43 ? 6  U   A "C5'" 1 
ATOM   115 C "C4'" . U   A 1 6  ? -8.143  -2.033  6.082   1.00 10.34 ? 6  U   A "C4'" 1 
ATOM   116 O "O4'" . U   A 1 6  ? -8.111  -0.630  5.831   1.00 10.31 ? 6  U   A "O4'" 1 
ATOM   117 C "C3'" . U   A 1 6  ? -8.114  -2.622  4.691   1.00 9.51  ? 6  U   A "C3'" 1 
ATOM   118 O "O3'" . U   A 1 6  ? -8.501  -3.991  4.592   1.00 10.95 ? 6  U   A "O3'" 1 
ATOM   119 C "C2'" . U   A 1 6  ? -9.021  -1.699  3.887   1.00 9.04  ? 6  U   A "C2'" 1 
ATOM   120 O "O2'" . U   A 1 6  ? -10.327 -2.029  4.344   1.00 7.12  ? 6  U   A "O2'" 1 
ATOM   121 C "C1'" . U   A 1 6  ? -8.610  -0.356  4.503   1.00 8.40  ? 6  U   A "C1'" 1 
ATOM   122 N N1    . U   A 1 6  ? -7.598  0.292   3.625   1.00 7.63  ? 6  U   A N1    1 
ATOM   123 C C2    . U   A 1 6  ? -8.093  0.919   2.519   1.00 7.42  ? 6  U   A C2    1 
ATOM   124 O O2    . U   A 1 6  ? -9.308  0.810   2.306   1.00 7.28  ? 6  U   A O2    1 
ATOM   125 N N3    . U   A 1 6  ? -7.224  1.600   1.669   1.00 6.99  ? 6  U   A N3    1 
ATOM   126 C C4    . U   A 1 6  ? -5.901  1.603   1.928   1.00 7.02  ? 6  U   A C4    1 
ATOM   127 O O4    . U   A 1 6  ? -5.188  2.231   1.110   1.00 7.68  ? 6  U   A O4    1 
ATOM   128 C C5    . U   A 1 6  ? -5.418  0.953   3.059   1.00 7.40  ? 6  U   A C5    1 
ATOM   129 C C6    . U   A 1 6  ? -6.244  0.324   3.905   1.00 7.31  ? 6  U   A C6    1 
ATOM   130 P P     . C   A 1 7  ? -7.840  -4.990  3.504   1.00 11.47 ? 7  C   A P     1 
ATOM   131 O OP1   . C   A 1 7  ? -8.336  -6.172  4.085   1.00 12.35 ? 7  C   A OP1   1 
ATOM   132 O OP2   . C   A 1 7  ? -6.412  -4.868  3.214   1.00 11.49 ? 7  C   A OP2   1 
ATOM   133 O "O5'" . C   A 1 7  ? -8.674  -4.649  2.177   1.00 11.00 ? 7  C   A "O5'" 1 
ATOM   134 C "C5'" . C   A 1 7  ? -10.103 -4.833  2.152   1.00 11.53 ? 7  C   A "C5'" 1 
ATOM   135 C "C4'" . C   A 1 7  ? -10.541 -4.185  0.891   1.00 11.20 ? 7  C   A "C4'" 1 
ATOM   136 O "O4'" . C   A 1 7  ? -10.223 -2.823  0.888   1.00 11.07 ? 7  C   A "O4'" 1 
ATOM   137 C "C3'" . C   A 1 7  ? -9.865  -4.609  -0.417  1.00 12.00 ? 7  C   A "C3'" 1 
ATOM   138 O "O3'" . C   A 1 7  ? -10.344 -5.836  -0.988  1.00 14.28 ? 7  C   A "O3'" 1 
ATOM   139 C "C2'" . C   A 1 7  ? -10.175 -3.460  -1.361  1.00 11.48 ? 7  C   A "C2'" 1 
ATOM   140 O "O2'" . C   A 1 7  ? -11.488 -3.693  -1.836  1.00 10.97 ? 7  C   A "O2'" 1 
ATOM   141 C "C1'" . C   A 1 7  ? -10.068 -2.275  -0.432  1.00 9.64  ? 7  C   A "C1'" 1 
ATOM   142 N N1    . C   A 1 7  ? -8.685  -1.735  -0.535  1.00 9.68  ? 7  C   A N1    1 
ATOM   143 C C2    . C   A 1 7  ? -8.510  -0.862  -1.597  1.00 8.19  ? 7  C   A C2    1 
ATOM   144 O O2    . C   A 1 7  ? -9.366  -0.700  -2.435  1.00 8.42  ? 7  C   A O2    1 
ATOM   145 N N3    . C   A 1 7  ? -7.261  -0.362  -1.728  1.00 8.17  ? 7  C   A N3    1 
ATOM   146 C C4    . C   A 1 7  ? -6.254  -0.644  -0.869  1.00 8.04  ? 7  C   A C4    1 
ATOM   147 N N4    . C   A 1 7  ? -5.118  -0.111  -1.255  1.00 7.82  ? 7  C   A N4    1 
ATOM   148 C C5    . C   A 1 7  ? -6.462  -1.547  0.171   1.00 9.06  ? 7  C   A C5    1 
ATOM   149 C C6    . C   A 1 7  ? -7.702  -2.031  0.384   1.00 8.73  ? 7  C   A C6    1 
ATOM   150 P P     . G   A 1 8  ? -9.152  -6.646  -1.846  1.00 14.82 ? 8  G   A P     1 
ATOM   151 O OP1   . G   A 1 8  ? -9.780  -7.955  -1.726  1.00 15.39 ? 8  G   A OP1   1 
ATOM   152 O OP2   . G   A 1 8  ? -7.821  -6.408  -1.326  1.00 15.47 ? 8  G   A OP2   1 
ATOM   153 O "O5'" . G   A 1 8  ? -9.557  -6.060  -3.225  1.00 15.17 ? 8  G   A "O5'" 1 
ATOM   154 C "C5'" . G   A 1 8  ? -8.437  -5.900  -4.103  1.00 14.35 ? 8  G   A "C5'" 1 
ATOM   155 C "C4'" . G   A 1 8  ? -8.923  -4.811  -5.061  1.00 13.85 ? 8  G   A "C4'" 1 
ATOM   156 O "O4'" . G   A 1 8  ? -8.819  -3.598  -4.308  1.00 13.41 ? 8  G   A "O4'" 1 
ATOM   157 C "C3'" . G   A 1 8  ? -7.911  -4.765  -6.165  1.00 13.63 ? 8  G   A "C3'" 1 
ATOM   158 O "O3'" . G   A 1 8  ? -8.431  -5.556  -7.243  1.00 14.73 ? 8  G   A "O3'" 1 
ATOM   159 C "C2'" . G   A 1 8  ? -7.814  -3.296  -6.480  1.00 12.51 ? 8  G   A "C2'" 1 
ATOM   160 O "O2'" . G   A 1 8  ? -8.957  -3.031  -7.250  1.00 13.19 ? 8  G   A "O2'" 1 
ATOM   161 C "C1'" . G   A 1 8  ? -8.036  -2.673  -5.116  1.00 11.05 ? 8  G   A "C1'" 1 
ATOM   162 N N9    . G   A 1 8  ? -6.717  -2.651  -4.447  1.00 9.98  ? 8  G   A N9    1 
ATOM   163 C C8    . G   A 1 8  ? -6.346  -3.304  -3.288  1.00 9.09  ? 8  G   A C8    1 
ATOM   164 N N7    . G   A 1 8  ? -5.071  -3.204  -3.053  1.00 9.19  ? 8  G   A N7    1 
ATOM   165 C C5    . G   A 1 8  ? -4.580  -2.347  -4.034  1.00 8.54  ? 8  G   A C5    1 
ATOM   166 C C6    . G   A 1 8  ? -3.325  -1.739  -4.239  1.00 8.62  ? 8  G   A C6    1 
ATOM   167 O O6    . G   A 1 8  ? -2.298  -1.880  -3.586  1.00 9.06  ? 8  G   A O6    1 
ATOM   168 N N1    . G   A 1 8  ? -3.234  -1.094  -5.442  1.00 7.94  ? 8  G   A N1    1 
ATOM   169 C C2    . G   A 1 8  ? -4.304  -0.781  -6.205  1.00 7.95  ? 8  G   A C2    1 
ATOM   170 N N2    . G   A 1 8  ? -4.040  -0.019  -7.267  1.00 8.07  ? 8  G   A N2    1 
ATOM   171 N N3    . G   A 1 8  ? -5.544  -1.200  -5.972  1.00 9.19  ? 8  G   A N3    1 
ATOM   172 C C4    . G   A 1 8  ? -5.605  -2.005  -4.918  1.00 8.79  ? 8  G   A C4    1 
ATOM   173 P P     . G   A 1 9  ? -7.510  -6.650  -7.927  1.00 14.06 ? 9  G   A P     1 
ATOM   174 O OP1   . G   A 1 9  ? -8.564  -7.227  -8.777  1.00 15.41 ? 9  G   A OP1   1 
ATOM   175 O OP2   . G   A 1 9  ? -6.765  -7.324  -6.959  1.00 13.86 ? 9  G   A OP2   1 
ATOM   176 O "O5'" . G   A 1 9  ? -6.628  -5.719  -8.916  1.00 13.39 ? 9  G   A "O5'" 1 
ATOM   177 C "C5'" . G   A 1 9  ? -7.118  -4.795  -9.926  1.00 11.72 ? 9  G   A "C5'" 1 
ATOM   178 C "C4'" . G   A 1 9  ? -5.908  -4.142  -10.578 1.00 11.38 ? 9  G   A "C4'" 1 
ATOM   179 O "O4'" . G   A 1 9  ? -5.467  -3.124  -9.681  1.00 11.24 ? 9  G   A "O4'" 1 
ATOM   180 C "C3'" . G   A 1 9  ? -4.710  -5.047  -10.799 1.00 10.99 ? 9  G   A "C3'" 1 
ATOM   181 O "O3'" . G   A 1 9  ? -4.726  -5.858  -11.945 1.00 11.87 ? 9  G   A "O3'" 1 
ATOM   182 C "C2'" . G   A 1 9  ? -3.583  -4.028  -10.778 1.00 10.18 ? 9  G   A "C2'" 1 
ATOM   183 O "O2'" . G   A 1 9  ? -3.702  -3.355  -12.055 1.00 10.65 ? 9  G   A "O2'" 1 
ATOM   184 C "C1'" . G   A 1 9  ? -4.028  -3.048  -9.724  1.00 9.38  ? 9  G   A "C1'" 1 
ATOM   185 N N9    . G   A 1 9  ? -3.504  -3.557  -8.459  1.00 8.38  ? 9  G   A N9    1 
ATOM   186 C C8    . G   A 1 9  ? -4.212  -4.113  -7.432  1.00 7.66  ? 9  G   A C8    1 
ATOM   187 N N7    . G   A 1 9  ? -3.428  -4.517  -6.477  1.00 8.18  ? 9  G   A N7    1 
ATOM   188 C C5    . G   A 1 9  ? -2.152  -4.027  -6.786  1.00 7.55  ? 9  G   A C5    1 
ATOM   189 C C6    . G   A 1 9  ? -0.906  -4.053  -6.123  1.00 7.57  ? 9  G   A C6    1 
ATOM   190 O O6    . G   A 1 9  ? -0.629  -4.445  -4.992  1.00 7.74  ? 9  G   A O6    1 
ATOM   191 N N1    . G   A 1 9  ? 0.169   -3.573  -6.844  1.00 7.19  ? 9  G   A N1    1 
ATOM   192 C C2    . G   A 1 9  ? 0.011   -3.070  -8.079  1.00 7.08  ? 9  G   A C2    1 
ATOM   193 N N2    . G   A 1 9  ? 1.121   -2.678  -8.740  1.00 6.71  ? 9  G   A N2    1 
ATOM   194 N N3    . G   A 1 9  ? -1.143  -2.990  -8.689  1.00 7.84  ? 9  G   A N3    1 
ATOM   195 C C4    . G   A 1 9  ? -2.195  -3.488  -8.037  1.00 7.56  ? 9  G   A C4    1 
ATOM   196 P P     . U   A 1 10 ? -3.905  -7.256  -12.061 1.00 12.04 ? 10 U   A P     1 
ATOM   197 O OP1   . U   A 1 10 ? -4.465  -7.581  -13.342 1.00 12.39 ? 10 U   A OP1   1 
ATOM   198 O OP2   . U   A 1 10 ? -3.938  -8.008  -10.869 1.00 12.24 ? 10 U   A OP2   1 
ATOM   199 O "O5'" . U   A 1 10 ? -2.407  -6.804  -12.331 1.00 10.94 ? 10 U   A "O5'" 1 
ATOM   200 C "C5'" . U   A 1 10 ? -2.005  -5.991  -13.471 1.00 10.51 ? 10 U   A "C5'" 1 
ATOM   201 C "C4'" . U   A 1 10 ? -0.532  -5.623  -13.408 1.00 10.37 ? 10 U   A "C4'" 1 
ATOM   202 O "O4'" . U   A 1 10 ? -0.273  -4.876  -12.187 1.00 10.37 ? 10 U   A "O4'" 1 
ATOM   203 C "C3'" . U   A 1 10 ? 0.369   -6.834  -13.288 1.00 10.59 ? 10 U   A "C3'" 1 
ATOM   204 O "O3'" . U   A 1 10 ? 0.575   -7.524  -14.530 1.00 12.10 ? 10 U   A "O3'" 1 
ATOM   205 C "C2'" . U   A 1 10 ? 1.587   -6.185  -12.682 1.00 9.81  ? 10 U   A "C2'" 1 
ATOM   206 O "O2'" . U   A 1 10 ? 2.157   -5.519  -13.765 1.00 9.05  ? 10 U   A "O2'" 1 
ATOM   207 C "C1'" . U   A 1 10 ? 1.032   -5.198  -11.704 1.00 8.32  ? 10 U   A "C1'" 1 
ATOM   208 N N1    . U   A 1 10 ? 0.825   -5.723  -10.325 1.00 7.71  ? 10 U   A N1    1 
ATOM   209 C C2    . U   A 1 10 ? 1.953   -5.795  -9.537  1.00 7.16  ? 10 U   A C2    1 
ATOM   210 O O2    . U   A 1 10 ? 3.060   -5.539  -9.948  1.00 8.20  ? 10 U   A O2    1 
ATOM   211 N N3    . U   A 1 10 ? 1.841   -6.290  -8.222  1.00 6.64  ? 10 U   A N3    1 
ATOM   212 C C4    . U   A 1 10 ? 0.638   -6.575  -7.747  1.00 6.70  ? 10 U   A C4    1 
ATOM   213 O O4    . U   A 1 10 ? 0.718   -7.042  -6.570  1.00 7.57  ? 10 U   A O4    1 
ATOM   214 C C5    . U   A 1 10 ? -0.492  -6.636  -8.577  1.00 6.55  ? 10 U   A C5    1 
ATOM   215 C C6    . U   A 1 10 ? -0.362  -6.169  -9.857  1.00 6.85  ? 10 U   A C6    1 
ATOM   216 P P     . C   A 1 11 ? 0.736   -9.148  -14.421 1.00 12.50 ? 11 C   A P     1 
ATOM   217 O OP1   . C   A 1 11 ? 0.642   -9.439  -15.841 1.00 13.03 ? 11 C   A OP1   1 
ATOM   218 O OP2   . C   A 1 11 ? -0.075  -9.748  -13.411 1.00 12.88 ? 11 C   A OP2   1 
ATOM   219 O "O5'" . C   A 1 11 ? 2.312   -9.346  -13.978 1.00 12.00 ? 11 C   A "O5'" 1 
ATOM   220 C "C5'" . C   A 1 11 ? 3.382   -8.683  -14.718 1.00 11.80 ? 11 C   A "C5'" 1 
ATOM   221 C "C4'" . C   A 1 11 ? 4.620   -8.761  -13.853 1.00 12.01 ? 11 C   A "C4'" 1 
ATOM   222 O "O4'" . C   A 1 11 ? 4.360   -7.956  -12.706 1.00 12.08 ? 11 C   A "O4'" 1 
ATOM   223 C "C3'" . C   A 1 11 ? 5.041   -10.101 -13.295 1.00 12.10 ? 11 C   A "C3'" 1 
ATOM   224 O "O3'" . C   A 1 11 ? 5.659   -10.997 -14.219 1.00 13.91 ? 11 C   A "O3'" 1 
ATOM   225 C "C2'" . C   A 1 11 ? 5.883   -9.694  -12.100 1.00 11.77 ? 11 C   A "C2'" 1 
ATOM   226 O "O2'" . C   A 1 11 ? 7.086   -9.216  -12.700 1.00 11.31 ? 11 C   A "O2'" 1 
ATOM   227 C "C1'" . C   A 1 11 ? 5.158   -8.463  -11.630 1.00 10.91 ? 11 C   A "C1'" 1 
ATOM   228 N N1    . C   A 1 11 ? 4.254   -8.929  -10.504 1.00 10.98 ? 11 C   A N1    1 
ATOM   229 C C2    . C   A 1 11 ? 4.871   -9.224  -9.321  1.00 9.81  ? 11 C   A C2    1 
ATOM   230 O O2    . C   A 1 11 ? 6.090   -9.073  -9.204  1.00 11.03 ? 11 C   A O2    1 
ATOM   231 N N3    . C   A 1 11 ? 4.106   -9.574  -8.253  1.00 9.92  ? 11 C   A N3    1 
ATOM   232 C C4    . C   A 1 11 ? 2.754   -9.733  -8.387  1.00 9.92  ? 11 C   A C4    1 
ATOM   233 N N4    . C   A 1 11 ? 1.991   -10.017 -7.297  1.00 9.66  ? 11 C   A N4    1 
ATOM   234 C C5    . C   A 1 11 ? 2.148   -9.513  -9.627  1.00 9.94  ? 11 C   A C5    1 
ATOM   235 C C6    . C   A 1 11 ? 2.941   -9.200  -10.695 1.00 9.97  ? 11 C   A C6    1 
ATOM   236 P P     . C   A 1 12 ? 5.302   -12.563 -14.184 1.00 14.86 ? 12 C   A P     1 
ATOM   237 O OP1   . C   A 1 12 ? 5.940   -12.682 -15.560 1.00 15.09 ? 12 C   A OP1   1 
ATOM   238 O OP2   . C   A 1 12 ? 3.820   -12.757 -14.159 1.00 14.63 ? 12 C   A OP2   1 
ATOM   239 O "O5'" . C   A 1 12 ? 6.039   -13.254 -13.004 1.00 13.05 ? 12 C   A "O5'" 1 
ATOM   240 C "C5'" . C   A 1 12 ? 7.456   -13.443 -12.989 1.00 13.06 ? 12 C   A "C5'" 1 
ATOM   241 C "C4'" . C   A 1 12 ? 7.922   -13.688 -11.555 1.00 13.06 ? 12 C   A "C4'" 1 
ATOM   242 O "O4'" . C   A 1 12 ? 7.407   -12.782 -10.624 1.00 13.30 ? 12 C   A "O4'" 1 
ATOM   243 C "C3'" . C   A 1 12 ? 7.483   -15.011 -10.995 1.00 13.10 ? 12 C   A "C3'" 1 
ATOM   244 O "O3'" . C   A 1 12 ? 8.063   -16.146 -11.604 1.00 13.84 ? 12 C   A "O3'" 1 
ATOM   245 C "C2'" . C   A 1 12 ? 7.734   -14.824 -9.473  1.00 12.76 ? 12 C   A "C2'" 1 
ATOM   246 O "O2'" . C   A 1 12 ? 9.134   -15.112 -9.348  1.00 13.38 ? 12 C   A "O2'" 1 
ATOM   247 C "C1'" . C   A 1 12 ? 7.353   -13.383 -9.319  1.00 11.01 ? 12 C   A "C1'" 1 
ATOM   248 N N1    . C   A 1 12 ? 5.976   -13.282 -8.791  1.00 10.38 ? 12 C   A N1    1 
ATOM   249 C C2    . C   A 1 12 ? 5.851   -13.519 -7.437  1.00 9.03  ? 12 C   A C2    1 
ATOM   250 O O2    . C   A 1 12 ? 6.813   -13.726 -6.720  1.00 10.15 ? 12 C   A O2    1 
ATOM   251 N N3    . C   A 1 12 ? 4.606   -13.443 -6.903  1.00 8.60  ? 12 C   A N3    1 
ATOM   252 C C4    . C   A 1 12 ? 3.535   -13.163 -7.677  1.00 8.80  ? 12 C   A C4    1 
ATOM   253 N N4    . C   A 1 12 ? 2.400   -13.287 -6.941  1.00 9.06  ? 12 C   A N4    1 
ATOM   254 C C5    . C   A 1 12 ? 3.641   -12.965 -9.088  1.00 9.33  ? 12 C   A C5    1 
ATOM   255 C C6    . C   A 1 12 ? 4.875   -12.998 -9.576  1.00 9.43  ? 12 C   A C6    1 
HETATM 256 O O     . HOH B 2 .  ? -8.357  2.988   -0.481  1.00 11.70 ? 13 HOH A O     1 
HETATM 257 O O     . HOH B 2 .  ? -4.347  -2.942  2.961   1.00 18.22 ? 14 HOH A O     1 
HETATM 258 O O     . HOH B 2 .  ? 2.049   -4.443  8.647   0.77 32.41 ? 15 HOH A O     1 
HETATM 259 O O     . HOH B 2 .  ? -5.981  -5.822  0.536   0.90 31.53 ? 16 HOH A O     1 
HETATM 260 O O     . HOH B 2 .  ? -6.630  -9.624  -1.312  0.81 40.25 ? 17 HOH A O     1 
HETATM 261 O O     . HOH B 2 .  ? 2.651   16.170  3.471   1.00 38.23 ? 18 HOH A O     1 
HETATM 262 O O     . HOH B 2 .  ? 2.973   3.416   13.901  1.00 19.74 ? 19 HOH A O     1 
HETATM 263 O O     . HOH B 2 .  ? -12.151 -1.316  2.636   1.00 14.93 ? 20 HOH A O     1 
HETATM 264 O O     . HOH B 2 .  ? 4.558   -1.543  8.280   1.00 16.07 ? 21 HOH A O     1 
HETATM 265 O O     . HOH B 2 .  ? -7.224  2.413   6.908   0.91 13.36 ? 22 HOH A O     1 
HETATM 266 O O     . HOH B 2 .  ? 2.408   4.789   2.626   1.00 25.11 ? 23 HOH A O     1 
HETATM 267 O O     . HOH B 2 .  ? 2.931   1.315   6.323   0.50 34.42 ? 24 HOH A O     1 
HETATM 268 O O     . HOH B 2 .  ? -12.469 -1.568  -3.549  0.92 38.37 ? 25 HOH A O     1 
HETATM 269 O O     . HOH B 2 .  ? -4.741  -6.220  -4.643  1.00 27.66 ? 26 HOH A O     1 
HETATM 270 O O     . HOH B 2 .  ? -3.954  -8.047  -8.081  0.99 20.57 ? 27 HOH A O     1 
HETATM 271 O O     . HOH B 2 .  ? -1.244  -9.527  -10.476 1.00 26.92 ? 28 HOH A O     1 
HETATM 272 O O     . HOH B 2 .  ? -2.234  -0.022  4.034   1.00 16.29 ? 29 HOH A O     1 
HETATM 273 O O     . HOH B 2 .  ? -2.500  2.071   1.151   1.00 25.19 ? 30 HOH A O     1 
HETATM 274 O O     . HOH B 2 .  ? -1.928  4.260   -1.338  1.00 38.23 ? 31 HOH A O     1 
HETATM 275 O O     . HOH B 2 .  ? -0.124  -13.056 -9.296  1.00 30.64 ? 32 HOH A O     1 
HETATM 276 O O     . HOH B 2 .  ? -12.299 -8.614  -3.543  0.93 28.99 ? 33 HOH A O     1 
HETATM 277 O O     . HOH B 2 .  ? 8.067   1.956   12.776  0.73 26.43 ? 34 HOH A O     1 
HETATM 278 O O     . HOH B 2 .  ? 4.881   4.434   6.656   0.91 29.65 ? 35 HOH A O     1 
HETATM 279 O O     . HOH B 2 .  ? -3.764  -4.023  -0.989  0.67 28.58 ? 36 HOH A O     1 
HETATM 280 O O     . HOH B 2 .  ? -1.217  -10.521 -8.561  1.00 32.93 ? 37 HOH A O     1 
HETATM 281 O O     . HOH B 2 .  ? 1.022   12.414  5.428   0.85 40.82 ? 38 HOH A O     1 
HETATM 282 O O     . HOH B 2 .  ? -10.069 2.502   -2.964  0.50 30.44 ? 39 HOH A O     1 
HETATM 283 O O     . HOH B 2 .  ? 6.289   0.795   6.476   0.93 30.46 ? 40 HOH A O     1 
HETATM 284 O O     . HOH B 2 .  ? -1.942  -5.164  -2.887  0.50 35.67 ? 41 HOH A O     1 
HETATM 285 O O     . HOH B 2 .  ? -11.261 1.182   0.145   0.78 31.23 ? 42 HOH A O     1 
HETATM 286 O O     . HOH B 2 .  ? -6.100  -0.609  10.833  0.99 35.53 ? 43 HOH A O     1 
HETATM 287 O O     . HOH B 2 .  ? -7.499  -9.685  -10.089 1.00 45.58 ? 44 HOH A O     1 
HETATM 288 O O     . HOH B 2 .  ? 2.071   5.900   13.771  0.84 28.88 ? 45 HOH A O     1 
HETATM 289 O O     . HOH B 2 .  ? 0.902   1.802   13.990  1.00 40.18 ? 46 HOH A O     1 
HETATM 290 O O     . HOH B 2 .  ? -10.528 -5.548  -10.607 1.00 45.93 ? 47 HOH A O     1 
HETATM 291 O O     . HOH B 2 .  ? -0.907  -8.146  -5.002  1.00 50.42 ? 48 HOH A O     1 
HETATM 292 O O     . HOH B 2 .  ? 1.363   -12.293 -12.574 0.64 27.66 ? 49 HOH A O     1 
HETATM 293 O O     . HOH B 2 .  ? -1.472  -0.376  13.748  0.51 20.57 ? 50 HOH A O     1 
HETATM 294 O O     . HOH B 2 .  ? 1.611   4.199   0.542   0.49 16.29 ? 51 HOH A O     1 
HETATM 295 O O     . HOH B 2 .  ? 7.256   -6.007  -13.255 0.42 25.19 ? 52 HOH A O     1 
HETATM 296 O O     . HOH B 2 .  ? 2.037   -1.678  -11.873 0.50 38.23 ? 53 HOH A O     1 
HETATM 297 O O     . HOH B 2 .  ? 4.766   -4.884  -13.396 1.00 35.93 ? 54 HOH A O     1 
HETATM 298 O O     . HOH B 2 .  ? 3.930   8.617   5.340   0.74 31.93 ? 55 HOH A O     1 
HETATM 299 O O     . HOH B 2 .  ? -12.889 0.488   -7.095  0.56 26.43 ? 56 HOH A O     1 
HETATM 300 O O     . HOH B 2 .  ? 8.752   14.900  10.184  1.00 30.40 ? 57 HOH A O     1 
HETATM 301 O O     . HOH B 2 .  ? 12.548  16.047  10.106  0.50 30.31 ? 58 HOH A O     1 
HETATM 302 O O     . HOH B 2 .  ? 11.768  15.239  14.202  1.00 30.56 ? 59 HOH A O     1 
# 
